data_1KCL
#
_entry.id   1KCL
#
_cell.length_a   114.714
_cell.length_b   109.473
_cell.length_c   65.762
_cell.angle_alpha   90.00
_cell.angle_beta   90.00
_cell.angle_gamma   90.00
#
_symmetry.space_group_name_H-M   'P 21 21 21'
#
loop_
_entity.id
_entity.type
_entity.pdbx_description
1 polymer 'Cyclodextrin glycosyltransferase'
2 branched beta-D-glucopyranose-(1-4)-alpha-D-glucopyranose-(1-4)-alpha-D-glucopyranose-(1-4)-alpha-D-glucopyranose
3 branched alpha-D-glucopyranose-(1-4)-alpha-D-glucopyranose-(1-4)-beta-D-glucopyranose
4 branched alpha-D-glucopyranose-(1-4)-alpha-D-glucopyranose
5 non-polymer 'CALCIUM ION'
6 non-polymer alpha-D-glucopyranose
7 non-polymer (4S)-2-METHYL-2,4-PENTANEDIOL
8 water water
#
_entity_poly.entity_id   1
_entity_poly.type   'polypeptide(L)'
_entity_poly.pdbx_seq_one_letter_code
;APDTSVSNKQNFSTDVIYQIFTDRFSDGNPANNPTGAAFDGTCTNLRLYCGGDWQGIINKINDGYLTGMGVTAIWISQPV
ENIYSIINYSGVNNTAYHGYWARDFKKTNPAYGTIADFQNLIAAAHAKNIKVIIDFAPNHTSPASSDQPSFAENGRLYDN
GTLLGGYTNDTQNLFHHNLGTDFSTTENGIYKNLYDLADLNHNNSTVDVYLKDAIKMWLDLGIDGIRMDAVKHMPFGWQK
SFMAAVNNYKPVFTFGEWFLGVNEVSPENHKFANESGMSLLDFRFAQKVRQVFRDNTDNMYGLKAMLEGSAADYAQVDDQ
VTFIDNHDMERFHASNANRRKLEQALAFTLTSRGVPAIYYGTEQYMSGGTDPDNRARIPSFSTSTTAYQVIQKLAPLRKC
NPAIAYGSTQERWINNDVLIYERKFGSNVAVVAVNRNLNAPASISGLVTSLPQGSYNDVLGGLLNGNTLSVGSGGAASNF
TLAAGGTAVWQYTAATATPTIGHVGPMMAKPGVTITIDGRGFGSSKGTVYFGTTAVSGADITSWEDTQIKVKIPAVAGGN
YNIKVANAAGTASNVYDNFEVLSGDQVSVRFVVNNATTALGQNVYLTGSVSELGNWDPAKAIGPMYNQVVYQYPNWYYDV
SVPAGKTIEFKFLKKQGSTVTWEGGSNHTFTAPSSGTATINVNWQP
;
_entity_poly.pdbx_strand_id   A
#
loop_
_chem_comp.id
_chem_comp.type
_chem_comp.name
_chem_comp.formula
BGC D-saccharide, beta linking beta-D-glucopyranose 'C6 H12 O6'
CA non-polymer 'CALCIUM ION' 'Ca 2'
GLC D-saccharide, alpha linking alpha-D-glucopyranose 'C6 H12 O6'
MPD non-polymer (4S)-2-METHYL-2,4-PENTANEDIOL 'C6 H14 O2'
#
# COMPACT_ATOMS: atom_id res chain seq x y z
N ALA A 1 -20.44 -7.83 -11.27
CA ALA A 1 -19.33 -8.80 -11.06
C ALA A 1 -19.09 -9.01 -9.58
N PRO A 2 -18.59 -10.19 -9.19
CA PRO A 2 -18.33 -10.52 -7.78
C PRO A 2 -17.11 -9.77 -7.23
N ASP A 3 -17.01 -9.71 -5.92
CA ASP A 3 -15.90 -9.00 -5.26
C ASP A 3 -14.54 -9.58 -5.65
N THR A 4 -14.53 -10.87 -6.00
CA THR A 4 -13.28 -11.57 -6.36
C THR A 4 -12.85 -11.40 -7.82
N SER A 5 -13.64 -10.68 -8.61
CA SER A 5 -13.33 -10.46 -10.02
C SER A 5 -12.03 -9.70 -10.23
N VAL A 6 -11.35 -9.99 -11.33
CA VAL A 6 -10.09 -9.33 -11.64
C VAL A 6 -10.34 -7.86 -12.00
N SER A 7 -11.60 -7.54 -12.28
CA SER A 7 -11.98 -6.18 -12.64
C SER A 7 -12.14 -5.27 -11.42
N ASN A 8 -12.09 -5.86 -10.23
CA ASN A 8 -12.24 -5.09 -8.98
C ASN A 8 -10.93 -4.37 -8.63
N LYS A 9 -10.75 -3.16 -9.17
CA LYS A 9 -9.54 -2.38 -8.92
C LYS A 9 -9.50 -1.72 -7.54
N GLN A 10 -10.62 -1.74 -6.81
CA GLN A 10 -10.68 -1.09 -5.50
C GLN A 10 -10.42 -2.02 -4.31
N ASN A 11 -10.35 -3.32 -4.56
CA ASN A 11 -10.20 -4.31 -3.49
C ASN A 11 -9.17 -5.39 -3.85
N PHE A 12 -8.08 -5.48 -3.09
CA PHE A 12 -7.06 -6.49 -3.30
C PHE A 12 -6.95 -7.48 -2.14
N SER A 13 -7.89 -7.39 -1.20
CA SER A 13 -7.87 -8.26 -0.02
C SER A 13 -8.14 -9.74 -0.33
N THR A 14 -8.77 -10.02 -1.48
CA THR A 14 -9.02 -11.41 -1.87
C THR A 14 -7.91 -11.89 -2.81
N ASP A 15 -6.91 -11.03 -3.02
CA ASP A 15 -5.80 -11.35 -3.91
C ASP A 15 -4.50 -11.67 -3.18
N VAL A 16 -3.53 -12.14 -3.95
CA VAL A 16 -2.20 -12.41 -3.44
C VAL A 16 -1.26 -11.78 -4.46
N ILE A 17 -0.53 -10.76 -4.03
CA ILE A 17 0.39 -10.03 -4.90
C ILE A 17 1.75 -10.71 -5.01
N TYR A 18 2.32 -10.66 -6.21
CA TYR A 18 3.64 -11.21 -6.46
C TYR A 18 4.51 -10.03 -6.91
N GLN A 19 5.43 -9.61 -6.04
CA GLN A 19 6.29 -8.47 -6.35
C GLN A 19 7.41 -8.84 -7.30
N ILE A 20 7.38 -8.25 -8.49
CA ILE A 20 8.37 -8.54 -9.50
C ILE A 20 9.36 -7.42 -9.79
N PHE A 21 10.65 -7.75 -9.72
CA PHE A 21 11.68 -6.81 -10.11
C PHE A 21 11.86 -7.19 -11.57
N THR A 22 11.12 -6.50 -12.43
CA THR A 22 11.10 -6.76 -13.87
C THR A 22 12.41 -7.23 -14.49
N ASP A 23 13.50 -6.52 -14.22
CA ASP A 23 14.78 -6.87 -14.80
C ASP A 23 15.34 -8.21 -14.34
N ARG A 24 14.95 -8.63 -13.14
CA ARG A 24 15.47 -9.87 -12.56
C ARG A 24 14.53 -11.08 -12.64
N PHE A 25 13.44 -10.94 -13.40
CA PHE A 25 12.47 -12.04 -13.51
C PHE A 25 12.70 -12.90 -14.76
N SER A 26 12.35 -12.36 -15.93
CA SER A 26 12.53 -13.10 -17.17
C SER A 26 12.73 -12.21 -18.40
N ASP A 27 13.82 -12.43 -19.11
CA ASP A 27 14.13 -11.68 -20.32
C ASP A 27 13.43 -12.35 -21.49
N GLY A 28 12.23 -11.85 -21.82
CA GLY A 28 11.45 -12.42 -22.90
C GLY A 28 11.75 -11.83 -24.26
N ASN A 29 12.51 -10.73 -24.28
CA ASN A 29 12.89 -10.09 -25.52
C ASN A 29 14.31 -9.52 -25.42
N PRO A 30 15.31 -10.31 -25.84
CA PRO A 30 16.72 -9.91 -25.80
C PRO A 30 17.03 -8.67 -26.64
N ALA A 31 16.15 -8.38 -27.60
CA ALA A 31 16.34 -7.24 -28.50
C ALA A 31 16.32 -5.89 -27.81
N ASN A 32 15.58 -5.77 -26.70
CA ASN A 32 15.51 -4.50 -26.00
C ASN A 32 16.52 -4.42 -24.85
N ASN A 33 17.38 -5.42 -24.73
CA ASN A 33 18.38 -5.44 -23.65
C ASN A 33 19.38 -4.30 -23.77
N PRO A 34 19.71 -3.65 -22.65
CA PRO A 34 20.70 -2.57 -22.72
C PRO A 34 22.02 -3.17 -23.20
N THR A 35 22.97 -2.33 -23.60
CA THR A 35 24.23 -2.84 -24.10
C THR A 35 25.44 -2.24 -23.41
N GLY A 36 26.61 -2.83 -23.65
CA GLY A 36 27.84 -2.33 -23.08
C GLY A 36 28.02 -2.52 -21.58
N ALA A 37 28.52 -1.47 -20.92
CA ALA A 37 28.78 -1.50 -19.49
C ALA A 37 27.52 -1.42 -18.64
N ALA A 38 26.37 -1.27 -19.29
CA ALA A 38 25.11 -1.18 -18.58
C ALA A 38 24.37 -2.51 -18.56
N PHE A 39 25.02 -3.54 -19.11
CA PHE A 39 24.38 -4.85 -19.22
C PHE A 39 25.26 -6.03 -18.83
N ASP A 40 24.63 -7.06 -18.27
CA ASP A 40 25.31 -8.29 -17.89
C ASP A 40 24.31 -9.44 -18.00
N GLY A 41 24.27 -10.06 -19.18
CA GLY A 41 23.35 -11.15 -19.43
C GLY A 41 23.40 -12.27 -18.41
N THR A 42 24.55 -12.47 -17.79
CA THR A 42 24.73 -13.53 -16.80
C THR A 42 24.10 -13.12 -15.47
N CYS A 43 23.86 -11.83 -15.32
CA CYS A 43 23.27 -11.26 -14.10
C CYS A 43 24.13 -11.60 -12.89
N THR A 44 25.45 -11.52 -13.07
CA THR A 44 26.38 -11.76 -11.99
C THR A 44 26.60 -10.43 -11.26
N ASN A 45 26.63 -9.35 -12.04
CA ASN A 45 26.77 -8.01 -11.49
C ASN A 45 25.34 -7.52 -11.24
N LEU A 46 24.90 -7.61 -10.00
CA LEU A 46 23.53 -7.23 -9.65
C LEU A 46 23.23 -5.73 -9.66
N ARG A 47 24.16 -4.94 -10.18
CA ARG A 47 23.97 -3.50 -10.27
C ARG A 47 23.70 -3.04 -11.70
N LEU A 48 23.84 -3.97 -12.64
CA LEU A 48 23.62 -3.69 -14.06
C LEU A 48 22.31 -4.30 -14.54
N TYR A 49 21.94 -3.98 -15.78
CA TYR A 49 20.73 -4.54 -16.38
C TYR A 49 20.98 -6.01 -16.72
N CYS A 50 20.02 -6.86 -16.39
CA CYS A 50 20.14 -8.29 -16.66
C CYS A 50 19.29 -8.71 -17.86
N GLY A 51 18.34 -7.86 -18.23
CA GLY A 51 17.52 -8.16 -19.40
C GLY A 51 16.05 -8.46 -19.16
N GLY A 52 15.65 -8.62 -17.90
CA GLY A 52 14.25 -8.91 -17.60
C GLY A 52 13.31 -7.84 -18.13
N ASP A 53 12.25 -8.25 -18.81
CA ASP A 53 11.31 -7.31 -19.40
C ASP A 53 9.84 -7.74 -19.27
N TRP A 54 8.95 -6.93 -19.82
CA TRP A 54 7.51 -7.21 -19.76
C TRP A 54 7.12 -8.42 -20.61
N GLN A 55 7.84 -8.66 -21.70
CA GLN A 55 7.53 -9.82 -22.54
C GLN A 55 7.80 -11.09 -21.71
N GLY A 56 8.81 -11.00 -20.85
CA GLY A 56 9.14 -12.13 -19.99
C GLY A 56 8.01 -12.38 -19.00
N ILE A 57 7.46 -11.30 -18.45
CA ILE A 57 6.36 -11.42 -17.50
C ILE A 57 5.16 -12.03 -18.22
N ILE A 58 4.92 -11.60 -19.45
CA ILE A 58 3.82 -12.12 -20.25
C ILE A 58 3.99 -13.62 -20.44
N ASN A 59 5.21 -14.04 -20.73
CA ASN A 59 5.51 -15.46 -20.93
C ASN A 59 5.22 -16.28 -19.68
N LYS A 60 5.64 -15.78 -18.52
CA LYS A 60 5.43 -16.49 -17.27
C LYS A 60 3.97 -16.49 -16.86
N ILE A 61 3.21 -15.53 -17.38
CA ILE A 61 1.78 -15.46 -17.10
C ILE A 61 1.09 -16.52 -17.96
N ASN A 62 1.53 -16.63 -19.21
CA ASN A 62 0.95 -17.58 -20.14
C ASN A 62 1.38 -19.02 -19.97
N ASP A 63 2.59 -19.27 -19.47
CA ASP A 63 3.02 -20.67 -19.30
C ASP A 63 2.63 -21.26 -17.94
N GLY A 64 1.82 -20.53 -17.20
CA GLY A 64 1.29 -21.03 -15.94
C GLY A 64 2.11 -20.98 -14.66
N TYR A 65 3.27 -20.33 -14.67
CA TYR A 65 4.08 -20.29 -13.45
C TYR A 65 3.36 -19.58 -12.30
N LEU A 66 2.83 -18.39 -12.59
CA LEU A 66 2.14 -17.59 -11.58
C LEU A 66 0.73 -18.12 -11.27
N THR A 67 -0.03 -18.47 -12.30
CA THR A 67 -1.38 -18.96 -12.11
C THR A 67 -1.39 -20.28 -11.33
N GLY A 68 -0.43 -21.15 -11.61
CA GLY A 68 -0.36 -22.42 -10.92
C GLY A 68 0.00 -22.24 -9.45
N MET A 69 0.54 -21.08 -9.13
CA MET A 69 0.94 -20.76 -7.76
C MET A 69 -0.20 -20.11 -6.98
N GLY A 70 -1.23 -19.66 -7.70
CA GLY A 70 -2.35 -19.01 -7.03
C GLY A 70 -2.21 -17.50 -6.99
N VAL A 71 -1.19 -16.98 -7.68
CA VAL A 71 -0.97 -15.54 -7.74
C VAL A 71 -2.09 -14.90 -8.57
N THR A 72 -2.66 -13.83 -8.06
CA THR A 72 -3.76 -13.15 -8.73
C THR A 72 -3.47 -11.68 -9.00
N ALA A 73 -2.24 -11.28 -8.68
CA ALA A 73 -1.82 -9.90 -8.90
C ALA A 73 -0.30 -9.78 -8.92
N ILE A 74 0.21 -8.89 -9.76
CA ILE A 74 1.64 -8.65 -9.83
C ILE A 74 1.92 -7.17 -9.60
N TRP A 75 3.04 -6.90 -8.94
CA TRP A 75 3.48 -5.54 -8.63
C TRP A 75 4.85 -5.43 -9.29
N ILE A 76 4.93 -4.66 -10.36
CA ILE A 76 6.15 -4.52 -11.14
C ILE A 76 6.91 -3.22 -10.94
N SER A 77 8.17 -3.21 -11.38
CA SER A 77 9.03 -2.04 -11.27
C SER A 77 8.39 -0.85 -11.98
N GLN A 78 8.73 0.37 -11.54
CA GLN A 78 8.17 1.56 -12.16
C GLN A 78 8.39 1.45 -13.66
N PRO A 79 7.30 1.53 -14.44
CA PRO A 79 7.33 1.42 -15.91
C PRO A 79 7.87 2.61 -16.70
N VAL A 80 7.98 3.77 -16.05
CA VAL A 80 8.42 4.99 -16.72
C VAL A 80 9.88 4.97 -17.17
N GLU A 81 10.19 5.75 -18.20
CA GLU A 81 11.54 5.85 -18.71
C GLU A 81 12.48 6.39 -17.64
N ASN A 82 13.60 5.71 -17.44
CA ASN A 82 14.61 6.13 -16.47
C ASN A 82 15.81 6.69 -17.21
N ILE A 83 16.77 7.23 -16.46
CA ILE A 83 17.99 7.75 -17.07
C ILE A 83 18.76 6.57 -17.65
N TYR A 84 19.58 6.85 -18.65
CA TYR A 84 20.35 5.82 -19.33
C TYR A 84 21.81 5.81 -18.86
N SER A 85 22.17 6.81 -18.06
CA SER A 85 23.52 6.95 -17.55
C SER A 85 23.97 5.77 -16.71
N ILE A 86 25.27 5.49 -16.75
CA ILE A 86 25.86 4.45 -15.94
C ILE A 86 26.63 5.21 -14.86
N ILE A 87 26.03 5.33 -13.69
CA ILE A 87 26.64 6.06 -12.59
C ILE A 87 27.70 5.25 -11.88
N ASN A 88 28.85 5.87 -11.63
CA ASN A 88 29.95 5.20 -10.94
C ASN A 88 30.01 5.66 -9.49
N TYR A 89 29.70 4.74 -8.59
CA TYR A 89 29.74 5.03 -7.16
C TYR A 89 30.90 4.27 -6.50
N SER A 90 31.94 5.00 -6.14
CA SER A 90 33.12 4.41 -5.50
C SER A 90 33.75 3.33 -6.36
N GLY A 91 33.91 3.60 -7.65
CA GLY A 91 34.52 2.64 -8.55
C GLY A 91 33.63 1.48 -8.94
N VAL A 92 32.33 1.62 -8.74
CA VAL A 92 31.37 0.56 -9.09
C VAL A 92 30.25 1.13 -9.94
N ASN A 93 30.05 0.56 -11.12
CA ASN A 93 28.99 1.02 -12.02
C ASN A 93 27.59 0.61 -11.56
N ASN A 94 26.65 1.53 -11.73
CA ASN A 94 25.26 1.32 -11.34
C ASN A 94 24.33 1.80 -12.46
N THR A 95 23.24 1.08 -12.67
CA THR A 95 22.26 1.46 -13.70
C THR A 95 20.87 1.58 -13.06
N ALA A 96 19.90 2.03 -13.86
CA ALA A 96 18.54 2.20 -13.38
C ALA A 96 17.69 0.95 -13.61
N TYR A 97 18.32 -0.22 -13.54
CA TYR A 97 17.63 -1.49 -13.74
C TYR A 97 16.40 -1.61 -12.82
N HIS A 98 16.47 -0.94 -11.68
CA HIS A 98 15.40 -1.00 -10.68
C HIS A 98 14.20 -0.11 -11.02
N GLY A 99 14.39 0.83 -11.96
CA GLY A 99 13.31 1.69 -12.39
C GLY A 99 12.94 2.88 -11.52
N TYR A 100 13.75 3.15 -10.48
CA TYR A 100 13.47 4.25 -9.57
C TYR A 100 14.08 5.60 -9.94
N TRP A 101 14.79 5.65 -11.07
CA TRP A 101 15.41 6.90 -11.51
C TRP A 101 14.72 7.43 -12.76
N ALA A 102 13.50 7.94 -12.58
CA ALA A 102 12.71 8.44 -13.69
C ALA A 102 13.25 9.71 -14.35
N ARG A 103 13.03 9.82 -15.66
CA ARG A 103 13.42 11.02 -16.41
C ARG A 103 12.22 11.51 -17.20
N ASP A 104 11.23 10.63 -17.37
CA ASP A 104 10.01 10.96 -18.10
C ASP A 104 8.88 10.03 -17.66
N PHE A 105 7.95 10.54 -16.86
CA PHE A 105 6.85 9.72 -16.34
C PHE A 105 5.77 9.44 -17.38
N LYS A 106 5.93 9.96 -18.58
CA LYS A 106 4.94 9.74 -19.63
C LYS A 106 5.42 8.80 -20.73
N LYS A 107 6.58 8.18 -20.53
CA LYS A 107 7.12 7.22 -21.48
C LYS A 107 7.57 5.97 -20.74
N THR A 108 7.73 4.87 -21.47
CA THR A 108 8.15 3.61 -20.88
C THR A 108 9.67 3.49 -20.84
N ASN A 109 10.15 2.56 -20.02
CA ASN A 109 11.58 2.26 -19.94
C ASN A 109 11.80 1.26 -21.08
N PRO A 110 12.53 1.67 -22.13
CA PRO A 110 12.80 0.82 -23.30
C PRO A 110 13.31 -0.58 -22.95
N ALA A 111 14.03 -0.71 -21.84
CA ALA A 111 14.56 -1.99 -21.41
C ALA A 111 13.44 -2.95 -21.04
N TYR A 112 12.35 -2.42 -20.48
CA TYR A 112 11.21 -3.25 -20.11
C TYR A 112 10.34 -3.49 -21.34
N GLY A 113 10.13 -2.44 -22.13
CA GLY A 113 9.31 -2.57 -23.32
C GLY A 113 8.72 -1.26 -23.80
N THR A 114 7.93 -1.33 -24.87
CA THR A 114 7.28 -0.17 -25.45
C THR A 114 5.87 -0.04 -24.86
N ILE A 115 5.15 1.01 -25.26
CA ILE A 115 3.79 1.21 -24.78
C ILE A 115 2.97 -0.02 -25.20
N ALA A 116 3.25 -0.52 -26.40
CA ALA A 116 2.56 -1.68 -26.94
C ALA A 116 2.80 -2.90 -26.05
N ASP A 117 4.05 -3.10 -25.63
CA ASP A 117 4.38 -4.21 -24.75
C ASP A 117 3.60 -4.11 -23.44
N PHE A 118 3.52 -2.89 -22.91
CA PHE A 118 2.81 -2.66 -21.65
C PHE A 118 1.33 -3.04 -21.83
N GLN A 119 0.76 -2.64 -22.96
CA GLN A 119 -0.63 -2.95 -23.25
C GLN A 119 -0.84 -4.46 -23.36
N ASN A 120 0.12 -5.15 -23.96
CA ASN A 120 0.03 -6.60 -24.09
C ASN A 120 0.15 -7.25 -22.73
N LEU A 121 0.90 -6.61 -21.83
CA LEU A 121 1.08 -7.12 -20.47
C LEU A 121 -0.25 -7.02 -19.74
N ILE A 122 -0.87 -5.84 -19.79
CA ILE A 122 -2.16 -5.62 -19.14
C ILE A 122 -3.17 -6.64 -19.67
N ALA A 123 -3.20 -6.81 -20.99
CA ALA A 123 -4.12 -7.74 -21.62
C ALA A 123 -3.86 -9.19 -21.22
N ALA A 124 -2.59 -9.60 -21.25
CA ALA A 124 -2.22 -10.96 -20.90
C ALA A 124 -2.55 -11.27 -19.43
N ALA A 125 -2.27 -10.32 -18.55
CA ALA A 125 -2.54 -10.48 -17.12
C ALA A 125 -4.03 -10.61 -16.84
N HIS A 126 -4.82 -9.68 -17.37
CA HIS A 126 -6.27 -9.70 -17.14
C HIS A 126 -6.91 -10.96 -17.70
N ALA A 127 -6.39 -11.45 -18.82
CA ALA A 127 -6.92 -12.66 -19.47
C ALA A 127 -6.77 -13.87 -18.55
N LYS A 128 -5.83 -13.79 -17.60
CA LYS A 128 -5.59 -14.87 -16.66
C LYS A 128 -6.01 -14.49 -15.24
N ASN A 129 -6.89 -13.48 -15.15
CA ASN A 129 -7.40 -13.00 -13.87
C ASN A 129 -6.31 -12.49 -12.94
N ILE A 130 -5.32 -11.82 -13.51
CA ILE A 130 -4.22 -11.26 -12.73
C ILE A 130 -4.24 -9.74 -12.84
N LYS A 131 -4.32 -9.07 -11.70
CA LYS A 131 -4.31 -7.61 -11.66
C LYS A 131 -2.88 -7.10 -11.77
N VAL A 132 -2.72 -5.88 -12.25
CA VAL A 132 -1.40 -5.29 -12.42
C VAL A 132 -1.22 -4.00 -11.62
N ILE A 133 -0.24 -4.01 -10.74
CA ILE A 133 0.11 -2.85 -9.91
C ILE A 133 1.46 -2.34 -10.41
N ILE A 134 1.58 -1.04 -10.62
CA ILE A 134 2.84 -0.46 -11.05
C ILE A 134 3.43 0.36 -9.93
N ASP A 135 4.76 0.35 -9.86
CA ASP A 135 5.47 1.15 -8.88
C ASP A 135 5.42 2.56 -9.45
N PHE A 136 5.31 3.56 -8.58
CA PHE A 136 5.28 4.96 -9.01
C PHE A 136 6.08 5.76 -7.99
N ALA A 137 7.12 6.46 -8.45
CA ALA A 137 8.00 7.21 -7.56
C ALA A 137 8.06 8.70 -7.89
N PRO A 138 7.02 9.46 -7.51
CA PRO A 138 6.95 10.90 -7.77
C PRO A 138 7.71 11.78 -6.78
N ASN A 139 8.55 11.18 -5.93
CA ASN A 139 9.31 11.95 -4.95
C ASN A 139 10.51 12.63 -5.60
N HIS A 140 11.07 11.98 -6.61
CA HIS A 140 12.27 12.49 -7.25
C HIS A 140 12.37 12.03 -8.70
N THR A 141 13.44 12.46 -9.36
CA THR A 141 13.72 12.05 -10.72
C THR A 141 14.86 11.05 -10.68
N SER A 142 16.10 11.55 -10.61
CA SER A 142 17.27 10.68 -10.57
C SER A 142 18.46 11.34 -9.88
N PRO A 143 19.58 10.62 -9.73
CA PRO A 143 20.77 11.19 -9.07
C PRO A 143 21.27 12.46 -9.77
N ALA A 144 21.52 13.50 -8.98
CA ALA A 144 21.99 14.77 -9.54
C ALA A 144 22.95 15.45 -8.57
N SER A 145 23.81 16.31 -9.11
CA SER A 145 24.76 17.04 -8.29
C SER A 145 24.68 18.52 -8.63
N SER A 146 24.49 19.34 -7.61
CA SER A 146 24.41 20.78 -7.79
C SER A 146 25.82 21.32 -8.08
N ASP A 147 26.81 20.69 -7.45
CA ASP A 147 28.20 21.09 -7.65
C ASP A 147 28.81 20.48 -8.91
N GLN A 148 28.23 19.37 -9.36
CA GLN A 148 28.71 18.67 -10.55
C GLN A 148 27.62 18.43 -11.59
N PRO A 149 27.28 19.46 -12.38
CA PRO A 149 26.24 19.39 -13.42
C PRO A 149 26.40 18.26 -14.43
N SER A 150 27.61 17.73 -14.57
CA SER A 150 27.86 16.65 -15.52
C SER A 150 27.60 15.28 -14.93
N PHE A 151 27.34 15.23 -13.62
CA PHE A 151 27.07 13.97 -12.94
C PHE A 151 25.73 13.39 -13.41
N ALA A 152 25.75 12.13 -13.83
CA ALA A 152 24.54 11.45 -14.30
C ALA A 152 23.86 12.31 -15.35
N GLU A 153 22.53 12.41 -15.26
CA GLU A 153 21.77 13.22 -16.20
C GLU A 153 21.22 14.48 -15.52
N ASN A 154 21.90 14.90 -14.45
CA ASN A 154 21.52 16.11 -13.71
C ASN A 154 20.07 16.05 -13.24
N GLY A 155 19.53 14.84 -13.11
CA GLY A 155 18.16 14.69 -12.66
C GLY A 155 17.13 15.33 -13.58
N ARG A 156 17.52 15.57 -14.84
CA ARG A 156 16.63 16.19 -15.81
C ARG A 156 15.28 15.50 -15.96
N LEU A 157 14.22 16.30 -16.02
CA LEU A 157 12.86 15.79 -16.15
C LEU A 157 12.25 16.15 -17.50
N TYR A 158 11.74 15.15 -18.21
CA TYR A 158 11.12 15.38 -19.51
C TYR A 158 9.62 15.13 -19.44
N ASP A 159 8.89 15.84 -20.29
CA ASP A 159 7.44 15.70 -20.38
C ASP A 159 7.14 15.13 -21.77
N ASN A 160 7.10 13.81 -21.86
CA ASN A 160 6.86 13.11 -23.11
C ASN A 160 7.83 13.58 -24.20
N GLY A 161 9.12 13.66 -23.84
CA GLY A 161 10.12 14.07 -24.80
C GLY A 161 10.58 15.51 -24.67
N THR A 162 9.70 16.37 -24.16
CA THR A 162 10.04 17.78 -23.99
C THR A 162 10.73 18.02 -22.66
N LEU A 163 11.93 18.57 -22.69
CA LEU A 163 12.70 18.85 -21.49
C LEU A 163 12.02 19.94 -20.66
N LEU A 164 11.79 19.66 -19.37
CA LEU A 164 11.19 20.65 -18.49
C LEU A 164 12.29 21.37 -17.72
N GLY A 165 13.29 20.62 -17.29
CA GLY A 165 14.40 21.22 -16.57
C GLY A 165 15.26 20.21 -15.84
N GLY A 166 16.43 20.67 -15.40
CA GLY A 166 17.35 19.81 -14.67
C GLY A 166 17.62 20.38 -13.28
N TYR A 167 18.44 19.69 -12.50
CA TYR A 167 18.75 20.15 -11.15
C TYR A 167 19.61 21.41 -11.14
N THR A 168 20.45 21.56 -12.17
CA THR A 168 21.31 22.73 -12.30
C THR A 168 20.56 23.84 -13.04
N ASN A 169 20.74 25.08 -12.58
CA ASN A 169 20.07 26.23 -13.17
C ASN A 169 18.57 25.99 -13.18
N ASP A 170 18.06 25.56 -12.02
CA ASP A 170 16.64 25.27 -11.84
C ASP A 170 15.90 26.56 -11.48
N THR A 171 15.84 27.47 -12.44
CA THR A 171 15.19 28.77 -12.25
C THR A 171 13.69 28.62 -12.05
N GLN A 172 13.14 27.50 -12.49
CA GLN A 172 11.71 27.25 -12.35
C GLN A 172 11.36 26.70 -10.97
N ASN A 173 12.38 26.23 -10.25
CA ASN A 173 12.18 25.63 -8.93
C ASN A 173 11.37 24.35 -9.04
N LEU A 174 11.69 23.53 -10.03
CA LEU A 174 11.02 22.25 -10.22
C LEU A 174 11.49 21.29 -9.14
N PHE A 175 12.66 21.58 -8.58
CA PHE A 175 13.26 20.72 -7.55
C PHE A 175 13.57 21.48 -6.27
N HIS A 176 13.81 20.72 -5.20
CA HIS A 176 14.18 21.30 -3.90
C HIS A 176 15.69 21.46 -3.89
N HIS A 177 16.16 22.56 -3.30
CA HIS A 177 17.59 22.83 -3.20
C HIS A 177 17.93 23.10 -1.74
N ASN A 178 17.52 22.18 -0.89
CA ASN A 178 17.75 22.28 0.55
C ASN A 178 18.72 21.21 1.01
N LEU A 179 19.62 20.81 0.12
CA LEU A 179 20.63 19.79 0.40
C LEU A 179 20.01 18.41 0.60
N GLY A 180 20.69 17.58 1.39
CA GLY A 180 20.20 16.23 1.62
C GLY A 180 19.68 15.99 3.02
N THR A 181 18.79 15.03 3.15
CA THR A 181 18.18 14.69 4.44
C THR A 181 19.09 13.80 5.29
N ASP A 182 19.03 13.98 6.60
CA ASP A 182 19.79 13.13 7.52
C ASP A 182 18.79 12.28 8.29
N PHE A 183 17.55 12.28 7.83
CA PHE A 183 16.45 11.52 8.43
C PHE A 183 16.21 11.86 9.91
N SER A 184 16.63 13.05 10.33
CA SER A 184 16.47 13.47 11.72
C SER A 184 15.01 13.75 12.10
N THR A 185 14.23 14.27 11.14
CA THR A 185 12.83 14.57 11.38
C THR A 185 12.03 14.30 10.10
N THR A 186 10.72 14.19 10.24
CA THR A 186 9.86 13.94 9.09
C THR A 186 9.97 15.09 8.09
N GLU A 187 9.93 16.32 8.59
CA GLU A 187 10.07 17.49 7.72
C GLU A 187 11.40 17.46 6.98
N ASN A 188 12.46 17.14 7.70
CA ASN A 188 13.80 17.07 7.12
C ASN A 188 13.84 16.03 6.01
N GLY A 189 13.16 14.90 6.23
CA GLY A 189 13.13 13.85 5.24
C GLY A 189 12.25 14.16 4.04
N ILE A 190 11.36 15.14 4.19
CA ILE A 190 10.45 15.50 3.10
C ILE A 190 10.98 16.60 2.17
N TYR A 191 11.52 17.67 2.75
CA TYR A 191 11.96 18.80 1.94
C TYR A 191 13.43 18.86 1.55
N LYS A 192 14.16 17.78 1.84
CA LYS A 192 15.56 17.68 1.45
C LYS A 192 15.69 16.45 0.56
N ASN A 193 16.78 16.38 -0.20
CA ASN A 193 16.98 15.25 -1.11
C ASN A 193 17.17 13.93 -0.40
N LEU A 194 16.57 12.88 -0.97
CA LEU A 194 16.72 11.54 -0.45
C LEU A 194 18.03 11.05 -1.08
N TYR A 195 19.10 11.12 -0.30
CA TYR A 195 20.44 10.75 -0.78
C TYR A 195 20.88 11.80 -1.81
N ASP A 196 21.11 11.38 -3.04
CA ASP A 196 21.52 12.32 -4.09
C ASP A 196 20.45 12.45 -5.17
N LEU A 197 19.26 11.96 -4.88
CA LEU A 197 18.14 12.01 -5.81
C LEU A 197 17.52 13.41 -5.87
N ALA A 198 17.37 13.95 -7.07
CA ALA A 198 16.78 15.29 -7.27
C ALA A 198 15.35 15.32 -6.75
N ASP A 199 15.15 15.97 -5.61
CA ASP A 199 13.85 16.06 -4.97
C ASP A 199 12.87 16.98 -5.70
N LEU A 200 11.78 16.41 -6.19
CA LEU A 200 10.77 17.20 -6.90
C LEU A 200 10.03 18.13 -5.94
N ASN A 201 9.72 19.33 -6.43
CA ASN A 201 8.99 20.33 -5.66
C ASN A 201 7.53 20.31 -6.07
N HIS A 202 6.71 19.62 -5.27
CA HIS A 202 5.29 19.49 -5.57
C HIS A 202 4.48 20.77 -5.35
N ASN A 203 5.11 21.79 -4.80
CA ASN A 203 4.44 23.08 -4.61
C ASN A 203 4.54 23.88 -5.90
N ASN A 204 5.32 23.36 -6.84
CA ASN A 204 5.48 23.98 -8.15
C ASN A 204 4.35 23.47 -9.04
N SER A 205 3.51 24.37 -9.52
CA SER A 205 2.36 23.99 -10.35
C SER A 205 2.67 23.07 -11.52
N THR A 206 3.77 23.33 -12.21
CA THR A 206 4.16 22.50 -13.35
C THR A 206 4.38 21.06 -12.92
N VAL A 207 5.10 20.88 -11.82
CA VAL A 207 5.38 19.56 -11.28
C VAL A 207 4.08 18.89 -10.81
N ASP A 208 3.23 19.67 -10.16
CA ASP A 208 1.95 19.16 -9.65
C ASP A 208 1.06 18.64 -10.77
N VAL A 209 0.79 19.49 -11.75
CA VAL A 209 -0.05 19.12 -12.89
C VAL A 209 0.56 17.99 -13.70
N TYR A 210 1.87 18.07 -13.93
CA TYR A 210 2.58 17.05 -14.69
C TYR A 210 2.41 15.64 -14.12
N LEU A 211 2.77 15.48 -12.85
CA LEU A 211 2.68 14.18 -12.18
C LEU A 211 1.26 13.64 -12.17
N LYS A 212 0.29 14.52 -11.98
CA LYS A 212 -1.10 14.08 -11.98
C LYS A 212 -1.56 13.69 -13.38
N ASP A 213 -1.06 14.37 -14.41
CA ASP A 213 -1.40 14.00 -15.78
C ASP A 213 -0.73 12.67 -16.11
N ALA A 214 0.49 12.49 -15.60
CA ALA A 214 1.25 11.27 -15.84
C ALA A 214 0.53 10.04 -15.29
N ILE A 215 0.06 10.11 -14.05
CA ILE A 215 -0.64 8.96 -13.46
C ILE A 215 -1.94 8.68 -14.22
N LYS A 216 -2.56 9.72 -14.74
CA LYS A 216 -3.80 9.56 -15.52
C LYS A 216 -3.51 8.67 -16.73
N MET A 217 -2.37 8.90 -17.36
CA MET A 217 -1.96 8.13 -18.53
C MET A 217 -1.88 6.65 -18.20
N TRP A 218 -1.27 6.33 -17.06
CA TRP A 218 -1.13 4.94 -16.67
C TRP A 218 -2.47 4.34 -16.26
N LEU A 219 -3.35 5.18 -15.71
CA LEU A 219 -4.67 4.72 -15.33
C LEU A 219 -5.42 4.38 -16.63
N ASP A 220 -5.21 5.20 -17.66
CA ASP A 220 -5.86 4.97 -18.95
C ASP A 220 -5.34 3.71 -19.62
N LEU A 221 -4.13 3.30 -19.25
CA LEU A 221 -3.54 2.08 -19.83
C LEU A 221 -4.10 0.81 -19.17
N GLY A 222 -4.94 1.00 -18.16
CA GLY A 222 -5.58 -0.14 -17.51
C GLY A 222 -4.96 -0.72 -16.25
N ILE A 223 -4.05 0.00 -15.59
CA ILE A 223 -3.47 -0.53 -14.37
C ILE A 223 -4.56 -0.73 -13.32
N ASP A 224 -4.34 -1.68 -12.42
CA ASP A 224 -5.33 -2.00 -11.39
C ASP A 224 -4.92 -1.50 -10.01
N GLY A 225 -3.68 -1.03 -9.88
CA GLY A 225 -3.21 -0.53 -8.61
C GLY A 225 -1.94 0.28 -8.72
N ILE A 226 -1.58 0.97 -7.64
CA ILE A 226 -0.38 1.80 -7.60
C ILE A 226 0.39 1.59 -6.30
N ARG A 227 1.71 1.41 -6.42
CA ARG A 227 2.57 1.26 -5.25
C ARG A 227 3.41 2.53 -5.21
N MET A 228 3.08 3.43 -4.28
CA MET A 228 3.77 4.70 -4.13
C MET A 228 5.10 4.56 -3.40
N ASP A 229 6.15 5.06 -4.04
CA ASP A 229 7.50 5.01 -3.48
C ASP A 229 7.77 6.17 -2.51
N ALA A 230 8.53 5.86 -1.45
CA ALA A 230 8.95 6.85 -0.46
C ALA A 230 7.87 7.87 -0.08
N VAL A 231 6.73 7.39 0.39
CA VAL A 231 5.63 8.29 0.76
C VAL A 231 5.92 9.09 2.03
N LYS A 232 6.88 8.63 2.82
CA LYS A 232 7.25 9.36 4.04
C LYS A 232 8.12 10.57 3.69
N HIS A 233 8.52 10.66 2.42
CA HIS A 233 9.41 11.73 1.97
C HIS A 233 8.76 12.77 1.05
N MET A 234 7.44 12.77 1.00
CA MET A 234 6.69 13.75 0.21
C MET A 234 5.64 14.38 1.11
N PRO A 235 5.23 15.62 0.80
CA PRO A 235 4.22 16.29 1.63
C PRO A 235 2.96 15.45 1.72
N PHE A 236 2.54 15.11 2.94
CA PHE A 236 1.36 14.28 3.13
C PHE A 236 0.13 14.95 2.52
N GLY A 237 0.06 16.27 2.64
CA GLY A 237 -1.07 17.00 2.09
C GLY A 237 -1.13 16.90 0.57
N TRP A 238 0.03 17.00 -0.08
CA TRP A 238 0.07 16.91 -1.53
C TRP A 238 -0.33 15.50 -1.99
N GLN A 239 0.12 14.49 -1.27
CA GLN A 239 -0.20 13.12 -1.62
C GLN A 239 -1.70 12.88 -1.52
N LYS A 240 -2.35 13.55 -0.57
CA LYS A 240 -3.80 13.43 -0.44
C LYS A 240 -4.45 14.02 -1.69
N SER A 241 -3.93 15.14 -2.17
CA SER A 241 -4.48 15.77 -3.37
C SER A 241 -4.21 14.88 -4.58
N PHE A 242 -3.10 14.15 -4.53
CA PHE A 242 -2.74 13.23 -5.61
C PHE A 242 -3.74 12.08 -5.62
N MET A 243 -4.02 11.53 -4.45
CA MET A 243 -4.98 10.43 -4.34
C MET A 243 -6.38 10.88 -4.74
N ALA A 244 -6.68 12.15 -4.47
CA ALA A 244 -7.98 12.70 -4.84
C ALA A 244 -8.07 12.79 -6.37
N ALA A 245 -6.96 13.17 -7.00
CA ALA A 245 -6.93 13.26 -8.46
C ALA A 245 -7.17 11.88 -9.06
N VAL A 246 -6.57 10.87 -8.43
CA VAL A 246 -6.73 9.49 -8.87
C VAL A 246 -8.15 8.99 -8.64
N ASN A 247 -8.65 9.15 -7.42
CA ASN A 247 -9.99 8.67 -7.09
C ASN A 247 -11.11 9.42 -7.77
N ASN A 248 -10.92 10.70 -8.05
CA ASN A 248 -11.94 11.50 -8.72
C ASN A 248 -11.91 11.34 -10.23
N TYR A 249 -11.03 10.46 -10.70
CA TYR A 249 -10.92 10.15 -12.12
C TYR A 249 -11.18 8.66 -12.30
N LYS A 250 -10.18 7.85 -11.97
CA LYS A 250 -10.28 6.40 -12.05
C LYS A 250 -9.60 5.81 -10.81
N PRO A 251 -10.38 5.56 -9.75
CA PRO A 251 -9.83 5.01 -8.50
C PRO A 251 -9.29 3.60 -8.62
N VAL A 252 -8.07 3.40 -8.11
CA VAL A 252 -7.43 2.09 -8.10
C VAL A 252 -6.70 1.93 -6.75
N PHE A 253 -6.66 0.71 -6.26
CA PHE A 253 -6.00 0.41 -4.98
C PHE A 253 -4.59 0.98 -4.97
N THR A 254 -4.28 1.77 -3.94
CA THR A 254 -2.96 2.38 -3.83
C THR A 254 -2.37 2.22 -2.43
N PHE A 255 -1.12 1.79 -2.37
CA PHE A 255 -0.42 1.63 -1.10
C PHE A 255 1.00 2.17 -1.24
N GLY A 256 1.47 2.86 -0.21
CA GLY A 256 2.79 3.45 -0.26
C GLY A 256 3.78 2.80 0.67
N GLU A 257 5.07 3.07 0.43
CA GLU A 257 6.11 2.52 1.26
C GLU A 257 6.57 3.52 2.32
N TRP A 258 6.31 3.18 3.58
CA TRP A 258 6.72 3.98 4.72
C TRP A 258 7.51 2.99 5.57
N PHE A 259 8.82 2.92 5.35
CA PHE A 259 9.66 1.98 6.05
C PHE A 259 9.63 2.11 7.57
N LEU A 260 9.50 0.97 8.25
CA LEU A 260 9.51 0.90 9.70
C LEU A 260 10.52 -0.17 10.09
N GLY A 261 11.34 0.13 11.09
CA GLY A 261 12.32 -0.83 11.55
C GLY A 261 11.77 -1.75 12.62
N VAL A 262 12.59 -2.68 13.10
CA VAL A 262 12.17 -3.60 14.14
C VAL A 262 11.72 -2.81 15.37
N ASN A 263 10.60 -3.22 15.95
CA ASN A 263 10.05 -2.57 17.15
C ASN A 263 9.56 -1.15 16.93
N GLU A 264 9.55 -0.68 15.68
CA GLU A 264 9.09 0.68 15.41
C GLU A 264 7.59 0.78 15.13
N VAL A 265 6.89 1.46 16.02
CA VAL A 265 5.45 1.70 15.87
C VAL A 265 5.30 3.21 15.72
N SER A 266 4.84 3.64 14.55
CA SER A 266 4.73 5.08 14.26
C SER A 266 3.31 5.64 14.16
N PRO A 267 2.97 6.59 15.05
CA PRO A 267 1.65 7.22 15.04
C PRO A 267 1.40 7.99 13.73
N GLU A 268 2.45 8.61 13.19
CA GLU A 268 2.34 9.35 11.93
C GLU A 268 2.02 8.38 10.80
N ASN A 269 2.65 7.21 10.86
CA ASN A 269 2.44 6.16 9.87
C ASN A 269 0.95 5.78 9.87
N HIS A 270 0.40 5.56 11.06
CA HIS A 270 -1.01 5.19 11.20
C HIS A 270 -1.91 6.30 10.65
N LYS A 271 -1.65 7.52 11.07
CA LYS A 271 -2.43 8.67 10.64
C LYS A 271 -2.42 8.83 9.11
N PHE A 272 -1.25 8.58 8.51
CA PHE A 272 -1.09 8.69 7.07
C PHE A 272 -1.97 7.66 6.38
N ALA A 273 -1.91 6.42 6.85
CA ALA A 273 -2.70 5.34 6.27
C ALA A 273 -4.20 5.60 6.45
N ASN A 274 -4.56 6.23 7.56
CA ASN A 274 -5.96 6.49 7.85
C ASN A 274 -6.55 7.74 7.20
N GLU A 275 -5.69 8.64 6.75
CA GLU A 275 -6.18 9.91 6.20
C GLU A 275 -5.66 10.39 4.84
N SER A 276 -4.63 9.73 4.31
CA SER A 276 -4.03 10.16 3.05
C SER A 276 -4.83 9.78 1.80
N GLY A 277 -5.53 8.64 1.87
CA GLY A 277 -6.27 8.19 0.71
C GLY A 277 -5.63 6.94 0.12
N MET A 278 -4.56 6.50 0.76
CA MET A 278 -3.86 5.28 0.34
C MET A 278 -3.47 4.51 1.59
N SER A 279 -3.29 3.20 1.45
CA SER A 279 -2.87 2.37 2.57
C SER A 279 -1.35 2.28 2.52
N LEU A 280 -0.76 1.38 3.29
CA LEU A 280 0.68 1.26 3.31
C LEU A 280 1.18 -0.17 3.31
N LEU A 281 2.46 -0.34 2.99
CA LEU A 281 3.10 -1.64 3.08
C LEU A 281 3.19 -1.85 4.60
N ASP A 282 2.73 -3.00 5.07
CA ASP A 282 2.69 -3.27 6.50
C ASP A 282 4.05 -3.69 7.08
N PHE A 283 4.96 -2.73 7.24
CA PHE A 283 6.28 -3.02 7.79
C PHE A 283 6.19 -3.49 9.25
N ARG A 284 5.22 -2.98 9.99
CA ARG A 284 5.05 -3.38 11.38
C ARG A 284 4.78 -4.89 11.43
N PHE A 285 3.96 -5.37 10.51
CA PHE A 285 3.62 -6.79 10.40
C PHE A 285 4.85 -7.57 9.95
N ALA A 286 5.49 -7.12 8.88
CA ALA A 286 6.68 -7.77 8.33
C ALA A 286 7.81 -7.93 9.33
N GLN A 287 8.15 -6.84 10.03
CA GLN A 287 9.23 -6.87 11.01
C GLN A 287 8.94 -7.83 12.17
N LYS A 288 7.70 -7.84 12.64
CA LYS A 288 7.33 -8.72 13.74
C LYS A 288 7.39 -10.18 13.30
N VAL A 289 6.94 -10.45 12.08
CA VAL A 289 6.97 -11.81 11.54
C VAL A 289 8.41 -12.31 11.46
N ARG A 290 9.31 -11.42 11.05
CA ARG A 290 10.73 -11.76 10.96
C ARG A 290 11.30 -12.02 12.35
N GLN A 291 10.90 -11.22 13.34
CA GLN A 291 11.35 -11.38 14.71
C GLN A 291 10.94 -12.73 15.27
N VAL A 292 9.70 -13.11 15.00
CA VAL A 292 9.13 -14.35 15.53
C VAL A 292 9.51 -15.63 14.77
N PHE A 293 9.50 -15.57 13.43
CA PHE A 293 9.77 -16.74 12.61
C PHE A 293 11.19 -16.85 12.03
N ARG A 294 11.89 -15.72 11.94
CA ARG A 294 13.23 -15.72 11.35
C ARG A 294 14.39 -15.50 12.31
N ASP A 295 14.33 -14.42 13.08
CA ASP A 295 15.42 -14.03 13.96
C ASP A 295 15.30 -14.40 15.43
N ASN A 296 14.17 -14.99 15.82
CA ASN A 296 13.96 -15.42 17.19
C ASN A 296 14.23 -14.32 18.22
N THR A 297 13.69 -13.12 17.98
CA THR A 297 13.87 -12.02 18.91
C THR A 297 12.56 -11.63 19.59
N ASP A 298 11.51 -12.42 19.34
CA ASP A 298 10.21 -12.20 19.97
C ASP A 298 9.42 -13.49 19.79
N ASN A 299 8.38 -13.69 20.61
CA ASN A 299 7.56 -14.89 20.55
C ASN A 299 6.13 -14.61 20.06
N MET A 300 5.28 -15.64 20.15
CA MET A 300 3.90 -15.52 19.70
C MET A 300 3.08 -14.46 20.42
N TYR A 301 3.47 -14.11 21.63
CA TYR A 301 2.76 -13.07 22.38
C TYR A 301 3.01 -11.73 21.68
N GLY A 302 4.22 -11.57 21.14
CA GLY A 302 4.55 -10.35 20.43
C GLY A 302 3.81 -10.32 19.11
N LEU A 303 3.62 -11.48 18.51
CA LEU A 303 2.90 -11.58 17.24
C LEU A 303 1.44 -11.21 17.47
N LYS A 304 0.87 -11.71 18.56
CA LYS A 304 -0.52 -11.43 18.91
C LYS A 304 -0.71 -9.94 19.18
N ALA A 305 0.21 -9.35 19.93
CA ALA A 305 0.15 -7.92 20.26
C ALA A 305 0.14 -7.08 18.97
N MET A 306 0.96 -7.48 18.00
CA MET A 306 1.03 -6.77 16.73
C MET A 306 -0.30 -6.86 16.00
N LEU A 307 -0.90 -8.06 15.97
CA LEU A 307 -2.18 -8.26 15.31
C LEU A 307 -3.29 -7.43 15.95
N GLU A 308 -3.38 -7.45 17.27
CA GLU A 308 -4.41 -6.70 17.98
C GLU A 308 -4.17 -5.20 17.89
N GLY A 309 -2.91 -4.79 18.05
CA GLY A 309 -2.59 -3.37 17.98
C GLY A 309 -2.85 -2.78 16.62
N SER A 310 -2.40 -3.47 15.57
CA SER A 310 -2.57 -2.98 14.20
C SER A 310 -4.03 -2.92 13.79
N ALA A 311 -4.84 -3.86 14.29
CA ALA A 311 -6.26 -3.89 13.97
C ALA A 311 -6.96 -2.66 14.57
N ALA A 312 -6.36 -2.11 15.62
CA ALA A 312 -6.91 -0.93 16.28
C ALA A 312 -6.32 0.38 15.76
N ASP A 313 -5.04 0.38 15.41
CA ASP A 313 -4.39 1.59 14.93
C ASP A 313 -4.72 1.97 13.48
N TYR A 314 -4.93 0.96 12.63
CA TYR A 314 -5.28 1.20 11.24
C TYR A 314 -6.79 1.13 11.06
N ALA A 315 -7.39 2.24 10.61
CA ALA A 315 -8.83 2.30 10.39
C ALA A 315 -9.24 1.18 9.42
N GLN A 316 -8.42 0.94 8.40
CA GLN A 316 -8.67 -0.12 7.44
C GLN A 316 -7.45 -1.05 7.41
N VAL A 317 -7.32 -1.87 8.44
CA VAL A 317 -6.19 -2.78 8.55
C VAL A 317 -6.17 -3.78 7.39
N ASP A 318 -7.33 -4.02 6.80
CA ASP A 318 -7.42 -4.98 5.71
C ASP A 318 -6.92 -4.45 4.37
N ASP A 319 -6.48 -3.19 4.36
CA ASP A 319 -5.92 -2.59 3.15
C ASP A 319 -4.40 -2.52 3.21
N GLN A 320 -3.84 -2.90 4.35
CA GLN A 320 -2.39 -2.87 4.51
C GLN A 320 -1.77 -4.07 3.79
N VAL A 321 -0.71 -3.81 3.02
CA VAL A 321 -0.05 -4.85 2.24
C VAL A 321 1.05 -5.53 3.04
N THR A 322 0.80 -6.78 3.40
CA THR A 322 1.74 -7.56 4.21
C THR A 322 2.81 -8.26 3.38
N PHE A 323 3.90 -8.65 4.05
CA PHE A 323 5.02 -9.33 3.41
C PHE A 323 6.01 -9.79 4.48
N ILE A 324 6.96 -10.64 4.08
CA ILE A 324 7.99 -11.11 5.01
C ILE A 324 9.36 -10.58 4.62
N ASP A 325 9.44 -10.00 3.42
CA ASP A 325 10.66 -9.36 2.92
C ASP A 325 10.37 -8.65 1.61
N ASN A 326 11.36 -7.88 1.13
CA ASN A 326 11.24 -7.17 -0.13
C ASN A 326 12.62 -6.73 -0.60
N HIS A 327 12.64 -5.83 -1.59
CA HIS A 327 13.90 -5.35 -2.17
C HIS A 327 14.75 -4.48 -1.25
N ASP A 328 14.19 -4.06 -0.11
CA ASP A 328 14.93 -3.24 0.84
C ASP A 328 15.24 -3.97 2.14
N MET A 329 15.14 -5.29 2.09
CA MET A 329 15.43 -6.13 3.25
C MET A 329 16.20 -7.37 2.81
N GLU A 330 16.94 -7.96 3.74
CA GLU A 330 17.68 -9.17 3.43
C GLU A 330 16.62 -10.24 3.18
N ARG A 331 16.89 -11.15 2.24
CA ARG A 331 15.96 -12.23 1.95
C ARG A 331 15.62 -12.96 3.25
N PHE A 332 14.33 -13.25 3.44
CA PHE A 332 13.89 -13.93 4.66
C PHE A 332 14.63 -15.24 4.90
N HIS A 333 14.80 -16.03 3.85
CA HIS A 333 15.49 -17.30 3.97
C HIS A 333 17.01 -17.15 4.01
N ALA A 334 17.60 -17.49 5.15
CA ALA A 334 19.05 -17.46 5.30
C ALA A 334 19.57 -18.78 4.74
N SER A 335 20.68 -18.73 4.01
CA SER A 335 21.25 -19.91 3.36
C SER A 335 21.35 -21.16 4.25
N ASN A 336 21.63 -20.95 5.53
CA ASN A 336 21.80 -22.08 6.46
C ASN A 336 20.59 -22.33 7.35
N ALA A 337 19.49 -21.61 7.12
CA ALA A 337 18.30 -21.75 7.95
C ALA A 337 17.37 -22.87 7.50
N ASN A 338 16.59 -23.38 8.44
CA ASN A 338 15.62 -24.43 8.15
C ASN A 338 14.53 -23.80 7.28
N ARG A 339 14.25 -24.41 6.14
CA ARG A 339 13.25 -23.86 5.22
C ARG A 339 11.85 -23.77 5.79
N ARG A 340 11.58 -24.51 6.86
CA ARG A 340 10.24 -24.48 7.47
C ARG A 340 9.88 -23.10 8.00
N LYS A 341 10.89 -22.34 8.41
CA LYS A 341 10.64 -21.00 8.94
C LYS A 341 10.02 -20.09 7.89
N LEU A 342 10.55 -20.14 6.68
CA LEU A 342 10.03 -19.34 5.57
C LEU A 342 8.63 -19.85 5.20
N GLU A 343 8.49 -21.18 5.14
CA GLU A 343 7.22 -21.79 4.82
C GLU A 343 6.13 -21.38 5.80
N GLN A 344 6.46 -21.31 7.09
CA GLN A 344 5.50 -20.89 8.10
C GLN A 344 5.16 -19.41 7.99
N ALA A 345 6.18 -18.58 7.77
CA ALA A 345 5.96 -17.14 7.63
C ALA A 345 5.06 -16.88 6.42
N LEU A 346 5.21 -17.69 5.38
CA LEU A 346 4.37 -17.57 4.18
C LEU A 346 2.93 -17.97 4.51
N ALA A 347 2.79 -19.12 5.16
CA ALA A 347 1.47 -19.62 5.54
C ALA A 347 0.75 -18.60 6.42
N PHE A 348 1.48 -18.04 7.38
CA PHE A 348 0.93 -17.04 8.28
C PHE A 348 0.44 -15.82 7.51
N THR A 349 1.31 -15.27 6.66
CA THR A 349 0.98 -14.09 5.86
C THR A 349 -0.19 -14.33 4.91
N LEU A 350 -0.19 -15.47 4.22
CA LEU A 350 -1.26 -15.79 3.27
C LEU A 350 -2.64 -15.95 3.91
N THR A 351 -2.68 -16.25 5.19
CA THR A 351 -3.95 -16.44 5.89
C THR A 351 -4.30 -15.32 6.86
N SER A 352 -3.45 -14.30 6.94
CA SER A 352 -3.68 -13.18 7.84
C SER A 352 -4.39 -12.01 7.16
N ARG A 353 -4.83 -11.04 7.96
CA ARG A 353 -5.55 -9.88 7.45
C ARG A 353 -4.68 -9.00 6.56
N GLY A 354 -5.31 -8.28 5.65
CA GLY A 354 -4.59 -7.39 4.75
C GLY A 354 -4.52 -7.87 3.32
N VAL A 355 -3.46 -7.46 2.63
CA VAL A 355 -3.22 -7.84 1.24
C VAL A 355 -1.81 -8.42 1.16
N PRO A 356 -1.70 -9.75 1.03
CA PRO A 356 -0.41 -10.46 0.95
C PRO A 356 0.41 -10.15 -0.29
N ALA A 357 1.70 -9.88 -0.08
CA ALA A 357 2.62 -9.61 -1.18
C ALA A 357 3.82 -10.56 -1.04
N ILE A 358 4.11 -11.30 -2.10
CA ILE A 358 5.25 -12.23 -2.10
C ILE A 358 6.35 -11.71 -3.02
N TYR A 359 7.52 -11.45 -2.44
CA TYR A 359 8.66 -10.96 -3.21
C TYR A 359 9.12 -12.10 -4.13
N TYR A 360 9.26 -11.81 -5.42
CA TYR A 360 9.63 -12.83 -6.40
C TYR A 360 10.83 -13.68 -5.94
N GLY A 361 10.75 -14.98 -6.21
CA GLY A 361 11.83 -15.86 -5.82
C GLY A 361 11.73 -16.42 -4.42
N THR A 362 10.82 -15.89 -3.61
CA THR A 362 10.64 -16.38 -2.25
C THR A 362 10.31 -17.87 -2.28
N GLU A 363 9.50 -18.26 -3.27
CA GLU A 363 9.08 -19.65 -3.41
C GLU A 363 10.19 -20.56 -3.92
N GLN A 364 11.35 -19.99 -4.26
CA GLN A 364 12.49 -20.77 -4.73
C GLN A 364 13.59 -20.75 -3.68
N TYR A 365 13.27 -20.23 -2.50
CA TYR A 365 14.20 -20.15 -1.37
C TYR A 365 15.46 -19.33 -1.68
N MET A 366 15.30 -18.21 -2.37
CA MET A 366 16.42 -17.35 -2.69
C MET A 366 16.95 -16.70 -1.43
N SER A 367 18.28 -16.61 -1.32
CA SER A 367 18.92 -15.99 -0.16
C SER A 367 19.73 -14.80 -0.64
N GLY A 368 20.00 -13.87 0.26
CA GLY A 368 20.79 -12.70 -0.11
C GLY A 368 20.70 -11.57 0.89
N GLY A 369 21.80 -10.85 1.05
CA GLY A 369 21.84 -9.75 1.99
C GLY A 369 21.12 -8.52 1.45
N THR A 370 21.50 -7.35 1.95
CA THR A 370 20.89 -6.10 1.52
C THR A 370 21.25 -5.76 0.07
N ASP A 371 20.52 -4.79 -0.47
CA ASP A 371 20.70 -4.31 -1.85
C ASP A 371 22.19 -4.28 -2.22
N PRO A 372 22.54 -4.84 -3.40
CA PRO A 372 21.69 -5.49 -4.39
C PRO A 372 21.64 -7.01 -4.32
N ASP A 373 22.16 -7.59 -3.25
CA ASP A 373 22.21 -9.05 -3.12
C ASP A 373 20.84 -9.71 -2.95
N ASN A 374 19.82 -8.91 -2.67
CA ASN A 374 18.48 -9.42 -2.49
C ASN A 374 17.68 -9.28 -3.77
N ARG A 375 18.37 -8.93 -4.85
CA ARG A 375 17.72 -8.71 -6.15
C ARG A 375 18.33 -9.54 -7.27
N ALA A 376 18.76 -10.75 -6.96
CA ALA A 376 19.34 -11.62 -7.96
C ALA A 376 18.26 -12.14 -8.90
N ARG A 377 18.68 -12.69 -10.03
CA ARG A 377 17.76 -13.26 -11.00
C ARG A 377 17.14 -14.52 -10.41
N ILE A 378 15.82 -14.66 -10.54
CA ILE A 378 15.16 -15.86 -10.03
C ILE A 378 15.86 -17.06 -10.66
N PRO A 379 16.45 -17.95 -9.82
CA PRO A 379 17.17 -19.15 -10.26
C PRO A 379 16.38 -20.22 -10.99
N SER A 380 15.12 -20.39 -10.62
CA SER A 380 14.32 -21.44 -11.25
C SER A 380 12.83 -21.11 -11.28
N PHE A 381 12.11 -21.77 -12.17
CA PHE A 381 10.66 -21.63 -12.28
C PHE A 381 10.06 -22.99 -11.98
N SER A 382 10.60 -23.64 -10.96
CA SER A 382 10.14 -24.95 -10.53
C SER A 382 8.85 -24.84 -9.71
N THR A 383 7.91 -25.73 -9.98
CA THR A 383 6.64 -25.77 -9.26
C THR A 383 6.72 -26.87 -8.20
N SER A 384 7.88 -27.51 -8.11
CA SER A 384 8.07 -28.63 -7.18
C SER A 384 8.57 -28.27 -5.79
N THR A 385 8.77 -26.99 -5.51
CA THR A 385 9.26 -26.59 -4.19
C THR A 385 8.10 -26.63 -3.19
N THR A 386 8.43 -26.89 -1.92
CA THR A 386 7.43 -26.95 -0.88
C THR A 386 6.76 -25.58 -0.71
N ALA A 387 7.55 -24.51 -0.80
CA ALA A 387 7.03 -23.15 -0.66
C ALA A 387 6.02 -22.82 -1.75
N TYR A 388 6.31 -23.26 -2.97
CA TYR A 388 5.41 -23.02 -4.11
C TYR A 388 4.07 -23.71 -3.85
N GLN A 389 4.13 -24.92 -3.30
CA GLN A 389 2.92 -25.68 -3.01
C GLN A 389 2.13 -25.07 -1.85
N VAL A 390 2.83 -24.45 -0.90
CA VAL A 390 2.17 -23.80 0.21
C VAL A 390 1.32 -22.64 -0.31
N ILE A 391 1.91 -21.84 -1.19
CA ILE A 391 1.22 -20.69 -1.80
C ILE A 391 0.06 -21.20 -2.65
N GLN A 392 0.34 -22.23 -3.44
CA GLN A 392 -0.65 -22.84 -4.32
C GLN A 392 -1.90 -23.27 -3.55
N LYS A 393 -1.69 -23.78 -2.35
CA LYS A 393 -2.79 -24.26 -1.52
C LYS A 393 -3.52 -23.19 -0.71
N LEU A 394 -2.78 -22.18 -0.25
CA LEU A 394 -3.39 -21.15 0.58
C LEU A 394 -3.86 -19.88 -0.14
N ALA A 395 -3.14 -19.48 -1.19
CA ALA A 395 -3.50 -18.29 -1.94
C ALA A 395 -4.97 -18.26 -2.38
N PRO A 396 -5.46 -19.37 -2.97
CA PRO A 396 -6.86 -19.44 -3.44
C PRO A 396 -7.91 -19.23 -2.35
N LEU A 397 -7.52 -19.49 -1.09
CA LEU A 397 -8.46 -19.33 0.02
C LEU A 397 -8.92 -17.89 0.18
N ARG A 398 -8.07 -16.94 -0.17
CA ARG A 398 -8.45 -15.54 -0.05
C ARG A 398 -9.59 -15.22 -1.00
N LYS A 399 -9.75 -16.07 -2.02
CA LYS A 399 -10.83 -15.91 -2.99
C LYS A 399 -12.09 -16.65 -2.56
N CYS A 400 -11.94 -17.89 -2.13
CA CYS A 400 -13.09 -18.72 -1.75
C CYS A 400 -13.57 -18.57 -0.32
N ASN A 401 -12.72 -18.12 0.59
CA ASN A 401 -13.13 -17.96 1.99
C ASN A 401 -12.98 -16.50 2.41
N PRO A 402 -14.09 -15.75 2.42
CA PRO A 402 -14.09 -14.32 2.79
C PRO A 402 -13.61 -14.02 4.21
N ALA A 403 -13.51 -15.05 5.05
CA ALA A 403 -13.02 -14.86 6.41
C ALA A 403 -11.54 -14.51 6.34
N ILE A 404 -10.84 -15.08 5.36
CA ILE A 404 -9.42 -14.82 5.16
C ILE A 404 -9.21 -13.41 4.60
N ALA A 405 -10.09 -13.01 3.69
CA ALA A 405 -10.01 -11.71 3.04
C ALA A 405 -10.51 -10.53 3.87
N TYR A 406 -11.61 -10.73 4.59
CA TYR A 406 -12.23 -9.64 5.35
C TYR A 406 -12.41 -9.91 6.84
N GLY A 407 -12.17 -11.14 7.26
CA GLY A 407 -12.42 -11.51 8.64
C GLY A 407 -11.63 -10.85 9.75
N SER A 408 -12.22 -10.87 10.94
CA SER A 408 -11.57 -10.36 12.13
C SER A 408 -10.49 -11.38 12.50
N THR A 409 -9.65 -11.05 13.47
CA THR A 409 -8.60 -11.96 13.91
C THR A 409 -8.67 -12.17 15.42
N GLN A 410 -8.82 -13.42 15.83
CA GLN A 410 -8.89 -13.73 17.26
C GLN A 410 -8.00 -14.89 17.66
N GLU A 411 -7.23 -14.67 18.73
CA GLU A 411 -6.35 -15.70 19.26
C GLU A 411 -7.21 -16.76 19.96
N ARG A 412 -6.99 -18.02 19.60
CA ARG A 412 -7.75 -19.13 20.17
C ARG A 412 -6.89 -20.04 21.05
N TRP A 413 -5.58 -20.01 20.84
CA TRP A 413 -4.65 -20.80 21.64
C TRP A 413 -3.29 -20.13 21.49
N ILE A 414 -2.52 -20.08 22.58
CA ILE A 414 -1.23 -19.42 22.50
C ILE A 414 -0.26 -19.72 23.63
N ASN A 415 1.02 -19.79 23.29
CA ASN A 415 2.12 -19.93 24.24
C ASN A 415 3.34 -19.36 23.51
N ASN A 416 4.52 -19.49 24.09
CA ASN A 416 5.72 -18.93 23.45
C ASN A 416 5.87 -19.26 21.97
N ASP A 417 5.68 -20.54 21.61
CA ASP A 417 5.91 -21.00 20.26
C ASP A 417 4.68 -21.30 19.41
N VAL A 418 3.52 -21.41 20.06
CA VAL A 418 2.30 -21.76 19.34
C VAL A 418 1.28 -20.63 19.27
N LEU A 419 0.69 -20.46 18.10
CA LEU A 419 -0.37 -19.48 17.91
C LEU A 419 -1.44 -20.07 17.00
N ILE A 420 -2.65 -20.19 17.54
CA ILE A 420 -3.77 -20.67 16.76
C ILE A 420 -4.76 -19.52 16.73
N TYR A 421 -4.93 -18.93 15.54
CA TYR A 421 -5.85 -17.82 15.39
C TYR A 421 -7.01 -18.14 14.47
N GLU A 422 -8.11 -17.41 14.66
CA GLU A 422 -9.31 -17.61 13.87
C GLU A 422 -9.69 -16.35 13.10
N ARG A 423 -9.99 -16.54 11.82
CA ARG A 423 -10.45 -15.46 10.97
C ARG A 423 -11.95 -15.71 10.80
N LYS A 424 -12.75 -14.67 10.96
CA LYS A 424 -14.20 -14.84 10.84
C LYS A 424 -14.90 -13.68 10.14
N PHE A 425 -15.73 -14.03 9.16
CA PHE A 425 -16.51 -13.06 8.41
C PHE A 425 -17.87 -13.71 8.11
N GLY A 426 -18.92 -13.19 8.74
CA GLY A 426 -20.23 -13.77 8.53
C GLY A 426 -20.25 -15.24 8.93
N SER A 427 -20.76 -16.09 8.04
CA SER A 427 -20.84 -17.53 8.31
C SER A 427 -19.61 -18.26 7.79
N ASN A 428 -18.52 -17.53 7.61
CA ASN A 428 -17.28 -18.11 7.12
C ASN A 428 -16.22 -18.10 8.21
N VAL A 429 -15.48 -19.20 8.33
CA VAL A 429 -14.47 -19.31 9.37
C VAL A 429 -13.20 -20.00 8.88
N ALA A 430 -12.07 -19.60 9.44
CA ALA A 430 -10.78 -20.19 9.13
C ALA A 430 -9.95 -20.20 10.41
N VAL A 431 -9.39 -21.36 10.74
CA VAL A 431 -8.55 -21.50 11.93
C VAL A 431 -7.16 -21.95 11.48
N VAL A 432 -6.14 -21.22 11.92
CA VAL A 432 -4.77 -21.54 11.55
C VAL A 432 -3.93 -21.84 12.78
N ALA A 433 -3.25 -22.98 12.76
CA ALA A 433 -2.39 -23.38 13.86
C ALA A 433 -0.94 -23.34 13.40
N VAL A 434 -0.09 -22.67 14.18
CA VAL A 434 1.32 -22.57 13.84
C VAL A 434 2.21 -22.81 15.06
N ASN A 435 3.12 -23.76 14.93
CA ASN A 435 4.07 -24.08 15.99
C ASN A 435 5.47 -23.81 15.41
N ARG A 436 6.02 -22.65 15.72
CA ARG A 436 7.33 -22.25 15.20
C ARG A 436 8.46 -23.09 15.77
N ASN A 437 8.20 -23.80 16.86
CA ASN A 437 9.24 -24.62 17.47
C ASN A 437 9.53 -25.83 16.58
N LEU A 438 10.72 -25.85 15.99
CA LEU A 438 11.13 -26.92 15.09
C LEU A 438 11.58 -28.21 15.76
N ASN A 439 11.66 -28.20 17.09
CA ASN A 439 12.10 -29.40 17.80
C ASN A 439 11.11 -29.93 18.82
N ALA A 440 10.10 -29.14 19.17
CA ALA A 440 9.15 -29.56 20.18
C ALA A 440 7.67 -29.47 19.79
N PRO A 441 6.95 -30.59 19.93
CA PRO A 441 5.51 -30.66 19.61
C PRO A 441 4.75 -29.95 20.73
N ALA A 442 3.48 -29.66 20.50
CA ALA A 442 2.65 -29.01 21.50
C ALA A 442 1.34 -29.74 21.66
N SER A 443 0.89 -29.91 22.90
CA SER A 443 -0.37 -30.57 23.20
C SER A 443 -1.48 -29.53 23.18
N ILE A 444 -2.31 -29.57 22.16
CA ILE A 444 -3.39 -28.60 22.03
C ILE A 444 -4.69 -29.14 22.61
N SER A 445 -5.01 -28.70 23.82
CA SER A 445 -6.25 -29.08 24.50
C SER A 445 -6.97 -27.81 24.92
N GLY A 446 -8.29 -27.87 24.98
CA GLY A 446 -9.07 -26.71 25.37
C GLY A 446 -9.26 -25.70 24.25
N LEU A 447 -8.99 -26.11 23.01
CA LEU A 447 -9.16 -25.21 21.86
C LEU A 447 -10.63 -25.08 21.53
N VAL A 448 -11.11 -23.83 21.50
CA VAL A 448 -12.49 -23.54 21.17
C VAL A 448 -12.51 -22.65 19.92
N THR A 449 -13.42 -22.95 18.99
CA THR A 449 -13.51 -22.20 17.74
C THR A 449 -14.96 -21.91 17.36
N SER A 450 -15.15 -21.26 16.22
CA SER A 450 -16.48 -20.95 15.72
C SER A 450 -16.82 -21.95 14.63
N LEU A 451 -15.99 -22.98 14.48
CA LEU A 451 -16.20 -24.01 13.47
C LEU A 451 -17.38 -24.91 13.82
N PRO A 452 -18.26 -25.18 12.85
CA PRO A 452 -19.42 -26.05 13.08
C PRO A 452 -18.94 -27.47 13.40
N GLN A 453 -19.78 -28.24 14.06
CA GLN A 453 -19.43 -29.61 14.43
C GLN A 453 -19.10 -30.45 13.20
N GLY A 454 -18.02 -31.21 13.28
CA GLY A 454 -17.61 -32.03 12.15
C GLY A 454 -16.11 -32.23 12.10
N SER A 455 -15.62 -32.86 11.05
CA SER A 455 -14.19 -33.10 10.90
C SER A 455 -13.60 -32.22 9.80
N TYR A 456 -12.40 -31.69 10.05
CA TYR A 456 -11.76 -30.80 9.09
C TYR A 456 -10.39 -31.28 8.63
N ASN A 457 -10.21 -31.38 7.31
CA ASN A 457 -8.93 -31.75 6.75
C ASN A 457 -8.04 -30.52 6.69
N ASP A 458 -6.75 -30.71 6.92
CA ASP A 458 -5.80 -29.62 6.84
C ASP A 458 -5.72 -29.19 5.38
N VAL A 459 -6.00 -27.92 5.11
CA VAL A 459 -5.96 -27.40 3.74
C VAL A 459 -4.58 -27.61 3.14
N LEU A 460 -3.55 -27.56 3.97
CA LEU A 460 -2.17 -27.77 3.51
C LEU A 460 -1.92 -29.24 3.23
N GLY A 461 -2.90 -30.08 3.57
CA GLY A 461 -2.78 -31.51 3.34
C GLY A 461 -1.59 -32.15 4.03
N GLY A 462 -1.21 -31.62 5.18
CA GLY A 462 -0.10 -32.18 5.93
C GLY A 462 1.26 -31.81 5.33
N LEU A 463 1.26 -30.92 4.35
CA LEU A 463 2.50 -30.49 3.69
C LEU A 463 3.48 -29.92 4.71
N LEU A 464 2.96 -29.19 5.68
CA LEU A 464 3.79 -28.61 6.73
C LEU A 464 3.52 -29.33 8.05
N ASN A 465 3.30 -30.63 7.96
CA ASN A 465 3.04 -31.49 9.11
C ASN A 465 1.79 -31.12 9.89
N GLY A 466 0.78 -30.63 9.18
CA GLY A 466 -0.47 -30.26 9.83
C GLY A 466 -1.27 -31.53 10.10
N ASN A 467 -2.41 -31.40 10.74
CA ASN A 467 -3.25 -32.54 11.07
C ASN A 467 -4.73 -32.25 10.88
N THR A 468 -5.54 -33.30 11.00
CA THR A 468 -6.98 -33.18 10.88
C THR A 468 -7.55 -32.67 12.20
N LEU A 469 -8.64 -31.90 12.10
CA LEU A 469 -9.28 -31.35 13.30
C LEU A 469 -10.66 -31.95 13.49
N SER A 470 -10.96 -32.35 14.72
CA SER A 470 -12.28 -32.90 15.05
C SER A 470 -12.99 -31.94 16.00
N VAL A 471 -14.10 -31.37 15.53
CA VAL A 471 -14.85 -30.42 16.33
C VAL A 471 -16.19 -30.96 16.80
N GLY A 472 -16.43 -30.85 18.10
CA GLY A 472 -17.68 -31.30 18.67
C GLY A 472 -18.63 -30.12 18.77
N SER A 473 -19.57 -30.18 19.70
CA SER A 473 -20.52 -29.08 19.89
C SER A 473 -19.80 -27.94 20.60
N GLY A 474 -20.34 -26.73 20.46
CA GLY A 474 -19.73 -25.58 21.10
C GLY A 474 -18.43 -25.17 20.45
N GLY A 475 -18.12 -25.75 19.30
CA GLY A 475 -16.89 -25.42 18.60
C GLY A 475 -15.65 -25.95 19.29
N ALA A 476 -15.84 -26.84 20.26
CA ALA A 476 -14.72 -27.42 21.01
C ALA A 476 -14.02 -28.50 20.19
N ALA A 477 -12.72 -28.30 19.97
CA ALA A 477 -11.92 -29.25 19.21
C ALA A 477 -11.33 -30.32 20.12
N SER A 478 -11.33 -31.57 19.65
CA SER A 478 -10.77 -32.67 20.42
C SER A 478 -9.27 -32.44 20.59
N ASN A 479 -8.71 -32.90 21.70
CA ASN A 479 -7.28 -32.73 21.93
C ASN A 479 -6.48 -33.32 20.78
N PHE A 480 -5.41 -32.64 20.40
CA PHE A 480 -4.55 -33.13 19.32
C PHE A 480 -3.14 -32.64 19.54
N THR A 481 -2.19 -33.28 18.88
CA THR A 481 -0.79 -32.92 18.98
C THR A 481 -0.41 -32.06 17.77
N LEU A 482 0.12 -30.87 18.04
CA LEU A 482 0.58 -30.00 16.97
C LEU A 482 2.05 -30.32 16.79
N ALA A 483 2.39 -30.96 15.69
CA ALA A 483 3.76 -31.38 15.41
C ALA A 483 4.76 -30.23 15.43
N ALA A 484 6.03 -30.57 15.67
CA ALA A 484 7.10 -29.59 15.66
C ALA A 484 7.14 -28.99 14.26
N GLY A 485 7.19 -27.66 14.19
CA GLY A 485 7.20 -26.98 12.90
C GLY A 485 5.85 -27.13 12.23
N GLY A 486 4.88 -27.65 12.98
CA GLY A 486 3.55 -27.88 12.46
C GLY A 486 2.78 -26.63 12.09
N THR A 487 2.10 -26.71 10.95
CA THR A 487 1.27 -25.61 10.45
C THR A 487 0.07 -26.24 9.76
N ALA A 488 -1.13 -25.88 10.22
CA ALA A 488 -2.35 -26.44 9.64
C ALA A 488 -3.42 -25.37 9.47
N VAL A 489 -4.28 -25.58 8.48
CA VAL A 489 -5.36 -24.65 8.19
C VAL A 489 -6.68 -25.41 8.07
N TRP A 490 -7.66 -25.01 8.86
CA TRP A 490 -8.98 -25.62 8.85
C TRP A 490 -9.98 -24.51 8.54
N GLN A 491 -10.95 -24.79 7.67
CA GLN A 491 -11.90 -23.76 7.30
C GLN A 491 -13.31 -24.25 7.00
N TYR A 492 -14.23 -23.29 6.99
CA TYR A 492 -15.64 -23.56 6.74
C TYR A 492 -16.24 -22.33 6.07
N THR A 493 -16.94 -22.55 4.96
CA THR A 493 -17.61 -21.45 4.26
C THR A 493 -19.08 -21.78 4.10
N ALA A 494 -19.91 -20.75 4.13
CA ALA A 494 -21.35 -20.93 3.98
C ALA A 494 -21.95 -19.57 3.66
N ALA A 495 -23.19 -19.57 3.19
CA ALA A 495 -23.88 -18.33 2.86
C ALA A 495 -24.12 -17.53 4.13
N THR A 496 -24.09 -16.20 4.00
CA THR A 496 -24.33 -15.31 5.13
C THR A 496 -25.72 -14.69 4.99
N ALA A 497 -26.57 -14.96 5.98
CA ALA A 497 -27.95 -14.48 5.97
C ALA A 497 -28.08 -12.95 5.95
N THR A 498 -27.39 -12.30 6.89
CA THR A 498 -27.45 -10.85 7.01
C THR A 498 -26.37 -10.12 6.19
N PRO A 499 -26.72 -8.96 5.62
CA PRO A 499 -25.77 -8.16 4.82
C PRO A 499 -24.53 -7.86 5.67
N THR A 500 -23.36 -8.16 5.12
CA THR A 500 -22.12 -7.92 5.85
C THR A 500 -21.06 -7.28 4.95
N ILE A 501 -20.64 -6.07 5.31
CA ILE A 501 -19.63 -5.35 4.55
C ILE A 501 -18.23 -5.78 5.00
N GLY A 502 -17.42 -6.19 4.03
CA GLY A 502 -16.07 -6.63 4.36
C GLY A 502 -15.03 -5.64 3.88
N HIS A 503 -15.40 -4.80 2.92
CA HIS A 503 -14.45 -3.84 2.37
C HIS A 503 -15.14 -2.74 1.55
N VAL A 504 -14.57 -1.54 1.58
CA VAL A 504 -15.08 -0.41 0.82
C VAL A 504 -13.89 0.30 0.18
N GLY A 505 -14.04 0.70 -1.08
CA GLY A 505 -12.95 1.39 -1.76
C GLY A 505 -13.43 2.09 -3.01
N PRO A 506 -12.92 3.30 -3.29
CA PRO A 506 -11.92 3.99 -2.46
C PRO A 506 -12.56 4.53 -1.18
N MET A 507 -11.74 4.99 -0.25
CA MET A 507 -12.24 5.50 1.03
C MET A 507 -12.24 7.03 1.09
N MET A 508 -11.98 7.67 -0.06
CA MET A 508 -11.94 9.12 -0.13
C MET A 508 -12.21 9.58 -1.58
N ALA A 509 -13.25 10.39 -1.75
CA ALA A 509 -13.60 10.89 -3.08
C ALA A 509 -14.73 11.91 -2.98
N LYS A 510 -14.91 12.68 -4.06
CA LYS A 510 -15.96 13.70 -4.10
C LYS A 510 -17.27 13.07 -4.54
N PRO A 511 -18.39 13.77 -4.31
CA PRO A 511 -19.71 13.25 -4.71
C PRO A 511 -19.77 12.93 -6.21
N GLY A 512 -20.48 11.87 -6.56
CA GLY A 512 -20.58 11.49 -7.96
C GLY A 512 -19.64 10.36 -8.35
N VAL A 513 -18.56 10.21 -7.60
CA VAL A 513 -17.60 9.14 -7.86
C VAL A 513 -18.19 7.82 -7.37
N THR A 514 -17.95 6.76 -8.12
CA THR A 514 -18.48 5.43 -7.78
C THR A 514 -17.56 4.70 -6.82
N ILE A 515 -18.12 4.15 -5.75
CA ILE A 515 -17.33 3.38 -4.81
C ILE A 515 -17.77 1.91 -4.86
N THR A 516 -16.89 1.04 -4.38
CA THR A 516 -17.15 -0.39 -4.40
C THR A 516 -17.27 -0.95 -2.98
N ILE A 517 -18.45 -1.48 -2.66
CA ILE A 517 -18.70 -2.06 -1.35
C ILE A 517 -18.76 -3.58 -1.52
N ASP A 518 -17.79 -4.28 -0.95
CA ASP A 518 -17.73 -5.73 -1.07
C ASP A 518 -18.02 -6.45 0.24
N GLY A 519 -18.57 -7.65 0.13
CA GLY A 519 -18.89 -8.43 1.31
C GLY A 519 -19.70 -9.66 0.98
N ARG A 520 -20.66 -9.99 1.84
CA ARG A 520 -21.52 -11.15 1.64
C ARG A 520 -22.92 -10.86 2.18
N GLY A 521 -23.90 -11.57 1.63
CA GLY A 521 -25.27 -11.41 2.09
C GLY A 521 -26.01 -10.15 1.68
N PHE A 522 -25.52 -9.46 0.65
CA PHE A 522 -26.20 -8.25 0.19
C PHE A 522 -27.50 -8.60 -0.53
N GLY A 523 -27.58 -9.82 -1.05
CA GLY A 523 -28.77 -10.23 -1.78
C GLY A 523 -28.65 -9.85 -3.25
N SER A 524 -29.54 -10.38 -4.08
CA SER A 524 -29.51 -10.10 -5.51
C SER A 524 -30.27 -8.83 -5.92
N SER A 525 -31.29 -8.46 -5.16
CA SER A 525 -32.08 -7.27 -5.46
C SER A 525 -31.51 -6.01 -4.80
N LYS A 526 -31.54 -4.89 -5.53
CA LYS A 526 -31.02 -3.63 -5.00
C LYS A 526 -31.63 -3.29 -3.65
N GLY A 527 -30.76 -2.91 -2.72
CA GLY A 527 -31.22 -2.51 -1.40
C GLY A 527 -30.98 -1.03 -1.21
N THR A 528 -30.49 -0.65 -0.04
CA THR A 528 -30.21 0.75 0.26
C THR A 528 -28.77 0.90 0.75
N VAL A 529 -28.15 2.01 0.41
CA VAL A 529 -26.78 2.30 0.86
C VAL A 529 -26.85 3.58 1.68
N TYR A 530 -26.21 3.58 2.85
CA TYR A 530 -26.23 4.75 3.70
C TYR A 530 -24.87 5.41 3.90
N PHE A 531 -24.85 6.73 3.75
CA PHE A 531 -23.66 7.54 3.99
C PHE A 531 -24.08 8.38 5.18
N GLY A 532 -23.70 7.92 6.38
CA GLY A 532 -24.15 8.60 7.57
C GLY A 532 -25.63 8.30 7.65
N THR A 533 -26.46 9.34 7.78
CA THR A 533 -27.90 9.14 7.85
C THR A 533 -28.54 9.19 6.46
N THR A 534 -27.80 9.70 5.48
CA THR A 534 -28.31 9.83 4.11
C THR A 534 -28.50 8.48 3.42
N ALA A 535 -29.70 8.27 2.91
CA ALA A 535 -30.03 7.03 2.22
C ALA A 535 -29.91 7.16 0.71
N VAL A 536 -29.32 6.16 0.08
CA VAL A 536 -29.15 6.12 -1.37
C VAL A 536 -29.73 4.83 -1.91
N SER A 537 -30.57 4.94 -2.94
CA SER A 537 -31.20 3.77 -3.55
C SER A 537 -31.57 4.08 -4.99
N GLY A 538 -31.97 3.06 -5.73
CA GLY A 538 -32.37 3.26 -7.10
C GLY A 538 -31.21 3.44 -8.07
N ALA A 539 -31.40 4.35 -9.02
CA ALA A 539 -30.43 4.63 -10.07
C ALA A 539 -28.97 4.81 -9.63
N ASP A 540 -28.73 5.61 -8.61
CA ASP A 540 -27.35 5.86 -8.17
C ASP A 540 -26.60 4.62 -7.69
N ILE A 541 -27.33 3.53 -7.46
CA ILE A 541 -26.71 2.26 -7.14
C ILE A 541 -26.57 1.60 -8.52
N THR A 542 -25.42 1.83 -9.16
CA THR A 542 -25.17 1.33 -10.49
C THR A 542 -25.39 -0.17 -10.65
N SER A 543 -24.91 -0.94 -9.69
CA SER A 543 -25.07 -2.39 -9.75
C SER A 543 -25.12 -2.99 -8.35
N TRP A 544 -25.78 -4.12 -8.22
CA TRP A 544 -25.94 -4.77 -6.91
C TRP A 544 -26.10 -6.28 -7.01
N GLU A 545 -25.23 -7.00 -6.32
CA GLU A 545 -25.30 -8.45 -6.22
C GLU A 545 -24.83 -8.86 -4.84
N ASP A 546 -24.95 -10.14 -4.50
CA ASP A 546 -24.61 -10.59 -3.16
C ASP A 546 -23.26 -10.21 -2.58
N THR A 547 -22.21 -10.19 -3.39
CA THR A 547 -20.89 -9.86 -2.88
C THR A 547 -20.36 -8.47 -3.23
N GLN A 548 -21.02 -7.79 -4.17
CA GLN A 548 -20.54 -6.47 -4.56
C GLN A 548 -21.60 -5.46 -4.95
N ILE A 549 -21.41 -4.22 -4.48
CA ILE A 549 -22.31 -3.12 -4.76
C ILE A 549 -21.52 -1.95 -5.34
N LYS A 550 -22.02 -1.39 -6.43
CA LYS A 550 -21.39 -0.23 -7.06
C LYS A 550 -22.36 0.93 -6.88
N VAL A 551 -21.96 1.93 -6.09
CA VAL A 551 -22.84 3.07 -5.82
C VAL A 551 -22.13 4.42 -5.92
N LYS A 552 -22.84 5.42 -6.41
CA LYS A 552 -22.31 6.76 -6.55
C LYS A 552 -22.43 7.52 -5.23
N ILE A 553 -21.37 8.24 -4.87
CA ILE A 553 -21.37 9.02 -3.63
C ILE A 553 -22.38 10.16 -3.75
N PRO A 554 -23.30 10.27 -2.79
CA PRO A 554 -24.32 11.32 -2.81
C PRO A 554 -23.74 12.72 -2.58
N ALA A 555 -24.43 13.74 -3.07
CA ALA A 555 -23.99 15.12 -2.91
C ALA A 555 -24.23 15.60 -1.48
N VAL A 556 -23.40 15.13 -0.56
CA VAL A 556 -23.50 15.53 0.83
C VAL A 556 -22.29 16.42 1.16
N ALA A 557 -22.38 17.18 2.24
CA ALA A 557 -21.29 18.06 2.66
C ALA A 557 -20.03 17.25 2.90
N GLY A 558 -18.88 17.83 2.60
CA GLY A 558 -17.62 17.14 2.83
C GLY A 558 -17.52 16.74 4.28
N GLY A 559 -16.91 15.60 4.55
CA GLY A 559 -16.78 15.14 5.92
C GLY A 559 -16.53 13.64 6.01
N ASN A 560 -16.55 13.13 7.24
CA ASN A 560 -16.31 11.71 7.48
C ASN A 560 -17.64 11.02 7.75
N TYR A 561 -17.97 10.02 6.93
CA TYR A 561 -19.23 9.29 7.08
C TYR A 561 -19.05 7.80 7.33
N ASN A 562 -20.05 7.22 7.98
CA ASN A 562 -20.07 5.78 8.24
C ASN A 562 -20.90 5.14 7.13
N ILE A 563 -20.37 4.09 6.51
CA ILE A 563 -21.09 3.41 5.43
C ILE A 563 -21.79 2.16 5.94
N LYS A 564 -23.05 2.01 5.52
CA LYS A 564 -23.86 0.87 5.90
C LYS A 564 -24.82 0.57 4.76
N VAL A 565 -25.24 -0.68 4.66
CA VAL A 565 -26.19 -1.07 3.60
C VAL A 565 -27.33 -1.89 4.19
N ALA A 566 -28.38 -2.03 3.40
CA ALA A 566 -29.55 -2.82 3.80
C ALA A 566 -30.03 -3.57 2.57
N ASN A 567 -30.39 -4.83 2.73
CA ASN A 567 -30.88 -5.62 1.60
C ASN A 567 -32.27 -5.12 1.24
N ALA A 568 -32.85 -5.71 0.20
CA ALA A 568 -34.19 -5.31 -0.25
C ALA A 568 -35.21 -5.45 0.87
N ALA A 569 -35.02 -6.44 1.75
CA ALA A 569 -35.93 -6.67 2.86
C ALA A 569 -35.80 -5.56 3.91
N GLY A 570 -34.69 -4.84 3.89
CA GLY A 570 -34.50 -3.76 4.84
C GLY A 570 -33.60 -4.09 6.01
N THR A 571 -32.96 -5.26 5.96
CA THR A 571 -32.06 -5.67 7.04
C THR A 571 -30.73 -4.94 6.88
N ALA A 572 -30.32 -4.23 7.93
CA ALA A 572 -29.09 -3.44 7.92
C ALA A 572 -27.84 -4.28 8.20
N SER A 573 -26.72 -3.84 7.63
CA SER A 573 -25.45 -4.53 7.80
C SER A 573 -24.64 -3.86 8.91
N ASN A 574 -23.41 -4.34 9.08
CA ASN A 574 -22.49 -3.77 10.03
C ASN A 574 -22.04 -2.43 9.43
N VAL A 575 -21.40 -1.59 10.22
CA VAL A 575 -20.94 -0.30 9.72
C VAL A 575 -19.46 -0.30 9.38
N TYR A 576 -19.13 0.30 8.24
CA TYR A 576 -17.75 0.42 7.79
C TYR A 576 -17.49 1.92 7.83
N ASP A 577 -16.79 2.37 8.87
CA ASP A 577 -16.57 3.80 9.09
C ASP A 577 -15.35 4.40 8.41
N ASN A 578 -15.13 5.69 8.68
CA ASN A 578 -13.99 6.44 8.19
C ASN A 578 -13.99 6.78 6.70
N PHE A 579 -15.16 6.84 6.08
CA PHE A 579 -15.22 7.19 4.67
C PHE A 579 -15.22 8.72 4.54
N GLU A 580 -14.27 9.24 3.78
CA GLU A 580 -14.19 10.68 3.61
C GLU A 580 -14.76 11.18 2.29
N VAL A 581 -15.84 11.95 2.39
CA VAL A 581 -16.46 12.58 1.23
C VAL A 581 -15.74 13.92 1.08
N LEU A 582 -15.12 14.14 -0.08
CA LEU A 582 -14.41 15.39 -0.31
C LEU A 582 -15.41 16.49 -0.66
N SER A 583 -14.97 17.73 -0.50
CA SER A 583 -15.83 18.88 -0.80
C SER A 583 -15.78 19.22 -2.29
N GLY A 584 -14.99 18.45 -3.04
CA GLY A 584 -14.85 18.67 -4.48
C GLY A 584 -13.48 18.24 -4.95
N ASP A 585 -13.10 18.61 -6.17
CA ASP A 585 -11.78 18.27 -6.67
C ASP A 585 -10.77 18.93 -5.74
N GLN A 586 -9.57 18.36 -5.66
CA GLN A 586 -8.56 18.87 -4.74
C GLN A 586 -7.35 19.52 -5.40
N VAL A 587 -6.80 20.52 -4.72
CA VAL A 587 -5.59 21.20 -5.14
C VAL A 587 -4.70 21.30 -3.91
N SER A 588 -3.40 21.21 -4.11
CA SER A 588 -2.45 21.29 -3.00
C SER A 588 -2.07 22.74 -2.75
N VAL A 589 -2.40 23.25 -1.57
CA VAL A 589 -2.09 24.63 -1.21
C VAL A 589 -1.20 24.72 0.01
N ARG A 590 -0.14 25.51 -0.11
CA ARG A 590 0.78 25.70 1.00
C ARG A 590 0.34 26.88 1.86
N PHE A 591 0.15 26.62 3.15
CA PHE A 591 -0.24 27.66 4.10
C PHE A 591 0.99 28.07 4.90
N VAL A 592 1.19 29.38 5.04
CA VAL A 592 2.32 29.90 5.79
C VAL A 592 1.81 30.95 6.77
N VAL A 593 2.16 30.79 8.04
CA VAL A 593 1.77 31.75 9.08
C VAL A 593 3.04 32.33 9.68
N ASN A 594 3.11 33.66 9.70
CA ASN A 594 4.30 34.34 10.22
C ASN A 594 4.23 34.74 11.67
N ASN A 595 5.40 34.72 12.31
CA ASN A 595 5.57 35.09 13.71
C ASN A 595 4.56 34.46 14.67
N ALA A 596 4.53 33.14 14.68
CA ALA A 596 3.67 32.40 15.58
C ALA A 596 4.61 31.72 16.59
N THR A 597 4.93 32.45 17.65
CA THR A 597 5.84 31.94 18.66
C THR A 597 5.17 30.89 19.53
N THR A 598 5.96 29.93 20.00
CA THR A 598 5.44 28.85 20.82
C THR A 598 6.47 28.40 21.85
N ALA A 599 6.05 27.56 22.78
CA ALA A 599 6.93 27.00 23.79
C ALA A 599 7.24 25.58 23.34
N LEU A 600 8.35 25.03 23.82
CA LEU A 600 8.73 23.67 23.45
C LEU A 600 7.57 22.71 23.74
N GLY A 601 7.21 21.93 22.74
CA GLY A 601 6.12 20.98 22.90
C GLY A 601 4.84 21.50 22.27
N GLN A 602 4.75 22.82 22.14
CA GLN A 602 3.59 23.46 21.55
C GLN A 602 3.82 23.67 20.06
N ASN A 603 2.85 23.29 19.24
CA ASN A 603 2.98 23.42 17.79
C ASN A 603 1.79 24.14 17.17
N VAL A 604 2.00 24.68 15.97
CA VAL A 604 0.95 25.40 15.26
C VAL A 604 0.20 24.46 14.32
N TYR A 605 -1.12 24.63 14.26
CA TYR A 605 -1.98 23.84 13.40
C TYR A 605 -2.90 24.75 12.61
N LEU A 606 -3.51 24.20 11.57
CA LEU A 606 -4.43 24.94 10.70
C LEU A 606 -5.86 24.40 10.81
N THR A 607 -6.82 25.31 10.93
CA THR A 607 -8.23 24.94 11.01
C THR A 607 -9.00 25.85 10.04
N GLY A 608 -10.10 25.34 9.48
CA GLY A 608 -10.86 26.13 8.52
C GLY A 608 -12.32 25.76 8.34
N SER A 609 -12.98 26.46 7.42
CA SER A 609 -14.41 26.29 7.17
C SER A 609 -14.81 25.17 6.22
N VAL A 610 -13.90 24.24 5.93
CA VAL A 610 -14.21 23.10 5.06
C VAL A 610 -13.74 21.83 5.76
N SER A 611 -14.34 20.70 5.41
CA SER A 611 -13.96 19.43 6.03
C SER A 611 -12.48 19.12 5.84
N GLU A 612 -11.92 19.55 4.71
CA GLU A 612 -10.50 19.31 4.43
C GLU A 612 -9.62 20.00 5.48
N LEU A 613 -10.20 20.97 6.19
CA LEU A 613 -9.48 21.68 7.24
C LEU A 613 -10.07 21.36 8.61
N GLY A 614 -10.93 20.34 8.67
CA GLY A 614 -11.52 19.91 9.92
C GLY A 614 -12.73 20.68 10.43
N ASN A 615 -13.28 21.54 9.59
CA ASN A 615 -14.45 22.35 9.96
C ASN A 615 -14.38 22.95 11.37
N TRP A 616 -13.31 23.72 11.61
CA TRP A 616 -13.11 24.42 12.88
C TRP A 616 -12.94 23.55 14.13
N ASP A 617 -12.84 22.23 13.95
CA ASP A 617 -12.66 21.34 15.10
C ASP A 617 -11.17 21.14 15.36
N PRO A 618 -10.66 21.68 16.48
CA PRO A 618 -9.24 21.56 16.84
C PRO A 618 -8.71 20.12 16.79
N ALA A 619 -9.59 19.16 17.06
CA ALA A 619 -9.20 17.75 17.06
C ALA A 619 -8.87 17.26 15.65
N LYS A 620 -9.43 17.91 14.64
CA LYS A 620 -9.18 17.53 13.24
C LYS A 620 -8.37 18.59 12.52
N ALA A 621 -7.65 19.40 13.28
CA ALA A 621 -6.83 20.46 12.70
C ALA A 621 -5.65 19.87 11.94
N ILE A 622 -5.19 20.59 10.91
CA ILE A 622 -4.09 20.15 10.07
C ILE A 622 -2.73 20.48 10.70
N GLY A 623 -1.87 19.47 10.79
CA GLY A 623 -0.56 19.68 11.38
C GLY A 623 -0.08 18.50 12.19
N PRO A 624 0.92 18.68 13.06
CA PRO A 624 1.63 19.94 13.32
C PRO A 624 2.37 20.49 12.10
N MET A 625 2.37 21.81 11.96
CA MET A 625 3.03 22.46 10.84
C MET A 625 4.55 22.44 11.00
N TYR A 626 5.26 22.75 9.92
CA TYR A 626 6.72 22.73 9.94
C TYR A 626 7.32 24.12 10.07
N ASN A 627 8.59 24.19 10.47
CA ASN A 627 9.25 25.47 10.67
C ASN A 627 10.78 25.42 10.58
N GLN A 628 11.32 24.51 9.78
CA GLN A 628 12.77 24.39 9.66
C GLN A 628 13.36 24.54 8.26
N VAL A 629 12.83 23.82 7.29
CA VAL A 629 13.39 23.84 5.94
C VAL A 629 12.95 24.96 5.00
N VAL A 630 11.74 24.88 4.47
CA VAL A 630 11.27 25.89 3.53
C VAL A 630 11.10 27.25 4.22
N TYR A 631 10.58 27.25 5.44
CA TYR A 631 10.43 28.46 6.24
C TYR A 631 10.97 28.18 7.63
N GLN A 632 11.43 29.22 8.32
CA GLN A 632 12.00 29.03 9.65
C GLN A 632 11.21 29.71 10.76
N TYR A 633 11.10 29.03 11.90
CA TYR A 633 10.42 29.56 13.07
C TYR A 633 10.93 30.98 13.33
N PRO A 634 10.05 31.89 13.81
CA PRO A 634 8.63 31.72 14.16
C PRO A 634 7.65 31.62 12.99
N ASN A 635 8.15 31.30 11.80
CA ASN A 635 7.27 31.13 10.66
C ASN A 635 7.02 29.64 10.47
N TRP A 636 5.75 29.28 10.23
CA TRP A 636 5.36 27.88 10.05
C TRP A 636 4.71 27.68 8.69
N TYR A 637 4.85 26.49 8.14
CA TYR A 637 4.26 26.17 6.84
C TYR A 637 3.78 24.72 6.78
N TYR A 638 2.89 24.45 5.83
CA TYR A 638 2.37 23.11 5.63
C TYR A 638 1.57 23.05 4.34
N ASP A 639 1.68 21.93 3.64
CA ASP A 639 0.97 21.75 2.37
C ASP A 639 -0.31 20.97 2.64
N VAL A 640 -1.43 21.51 2.18
CA VAL A 640 -2.74 20.92 2.44
C VAL A 640 -3.61 20.72 1.21
N SER A 641 -4.31 19.59 1.18
CA SER A 641 -5.24 19.31 0.09
C SER A 641 -6.55 20.00 0.43
N VAL A 642 -6.97 20.93 -0.43
CA VAL A 642 -8.20 21.68 -0.22
C VAL A 642 -9.06 21.67 -1.48
N PRO A 643 -10.38 21.90 -1.34
CA PRO A 643 -11.28 21.91 -2.50
C PRO A 643 -10.98 23.05 -3.48
N ALA A 644 -10.75 22.68 -4.73
CA ALA A 644 -10.42 23.64 -5.78
C ALA A 644 -11.48 24.72 -5.99
N GLY A 645 -11.03 25.95 -6.17
CA GLY A 645 -11.93 27.07 -6.42
C GLY A 645 -12.85 27.54 -5.31
N LYS A 646 -12.74 26.93 -4.13
CA LYS A 646 -13.60 27.33 -3.01
C LYS A 646 -13.01 28.45 -2.18
N THR A 647 -13.86 29.37 -1.74
CA THR A 647 -13.43 30.46 -0.89
C THR A 647 -13.46 29.87 0.52
N ILE A 648 -12.31 29.85 1.17
CA ILE A 648 -12.19 29.24 2.49
C ILE A 648 -11.74 30.20 3.57
N GLU A 649 -12.36 30.10 4.73
CA GLU A 649 -11.97 30.90 5.88
C GLU A 649 -11.16 30.00 6.79
N PHE A 650 -10.11 30.54 7.40
CA PHE A 650 -9.25 29.75 8.26
C PHE A 650 -8.55 30.55 9.34
N LYS A 651 -7.99 29.83 10.29
CA LYS A 651 -7.23 30.40 11.39
C LYS A 651 -6.19 29.38 11.80
N PHE A 652 -5.21 29.83 12.57
CA PHE A 652 -4.17 28.93 13.03
C PHE A 652 -4.36 28.71 14.53
N LEU A 653 -3.82 27.59 15.01
CA LEU A 653 -3.95 27.24 16.41
C LEU A 653 -2.59 26.82 16.95
N LYS A 654 -2.41 27.03 18.26
CA LYS A 654 -1.20 26.59 18.93
C LYS A 654 -1.70 25.51 19.86
N LYS A 655 -1.17 24.30 19.69
CA LYS A 655 -1.60 23.18 20.51
C LYS A 655 -0.49 22.49 21.28
N GLN A 656 -0.79 22.18 22.53
CA GLN A 656 0.11 21.44 23.40
C GLN A 656 -0.78 20.31 23.88
N GLY A 657 -0.52 19.11 23.38
CA GLY A 657 -1.40 18.00 23.72
C GLY A 657 -2.69 18.34 23.00
N SER A 658 -3.82 18.27 23.70
CA SER A 658 -5.10 18.61 23.11
C SER A 658 -5.56 19.99 23.56
N THR A 659 -4.70 20.69 24.30
CA THR A 659 -5.01 22.04 24.76
C THR A 659 -4.71 23.00 23.60
N VAL A 660 -5.70 23.81 23.24
CA VAL A 660 -5.57 24.71 22.12
C VAL A 660 -5.74 26.19 22.44
N THR A 661 -4.95 27.01 21.75
CA THR A 661 -5.00 28.46 21.87
C THR A 661 -5.32 28.98 20.47
N TRP A 662 -6.45 29.65 20.33
CA TRP A 662 -6.88 30.17 19.04
C TRP A 662 -6.23 31.50 18.67
N GLU A 663 -5.99 31.65 17.38
CA GLU A 663 -5.46 32.90 16.84
C GLU A 663 -6.58 33.91 17.07
N GLY A 664 -6.22 35.16 17.35
CA GLY A 664 -7.23 36.18 17.59
C GLY A 664 -7.74 36.83 16.32
N GLY A 665 -8.56 37.87 16.48
CA GLY A 665 -9.08 38.60 15.35
C GLY A 665 -10.10 37.85 14.50
N SER A 666 -10.28 38.31 13.27
CA SER A 666 -11.22 37.69 12.33
C SER A 666 -10.54 36.58 11.55
N ASN A 667 -11.34 35.69 10.98
CA ASN A 667 -10.81 34.59 10.19
C ASN A 667 -10.05 35.12 8.98
N HIS A 668 -9.06 34.36 8.54
CA HIS A 668 -8.32 34.70 7.34
C HIS A 668 -9.20 34.14 6.23
N THR A 669 -9.02 34.61 5.00
CA THR A 669 -9.82 34.12 3.89
C THR A 669 -9.01 34.10 2.61
N PHE A 670 -9.35 33.16 1.74
CA PHE A 670 -8.69 33.05 0.45
C PHE A 670 -9.53 32.14 -0.44
N THR A 671 -9.24 32.17 -1.74
CA THR A 671 -9.95 31.33 -2.69
C THR A 671 -8.94 30.39 -3.33
N ALA A 672 -9.09 29.10 -3.10
CA ALA A 672 -8.18 28.10 -3.65
C ALA A 672 -8.20 28.17 -5.18
N PRO A 673 -7.07 27.83 -5.83
CA PRO A 673 -7.01 27.86 -7.29
C PRO A 673 -7.86 26.75 -7.88
N SER A 674 -8.24 26.89 -9.15
CA SER A 674 -9.05 25.89 -9.84
C SER A 674 -8.24 24.65 -10.19
N SER A 675 -6.94 24.85 -10.36
CA SER A 675 -6.01 23.75 -10.66
C SER A 675 -4.61 24.23 -10.29
N GLY A 676 -3.65 23.31 -10.25
CA GLY A 676 -2.31 23.70 -9.87
C GLY A 676 -2.24 24.01 -8.39
N THR A 677 -1.13 24.61 -7.96
CA THR A 677 -0.93 24.91 -6.55
C THR A 677 -1.01 26.40 -6.26
N ALA A 678 -0.78 26.76 -5.00
CA ALA A 678 -0.78 28.14 -4.56
C ALA A 678 -0.17 28.22 -3.17
N THR A 679 0.26 29.42 -2.77
CA THR A 679 0.84 29.62 -1.46
C THR A 679 0.15 30.80 -0.78
N ILE A 680 -0.45 30.54 0.39
CA ILE A 680 -1.15 31.57 1.14
C ILE A 680 -0.31 31.94 2.36
N ASN A 681 0.20 33.17 2.37
CA ASN A 681 1.04 33.64 3.45
C ASN A 681 0.34 34.74 4.24
N VAL A 682 0.15 34.50 5.53
CA VAL A 682 -0.51 35.47 6.40
C VAL A 682 0.23 35.57 7.73
N ASN A 683 -0.14 36.56 8.54
CA ASN A 683 0.48 36.76 9.84
C ASN A 683 -0.39 36.24 10.96
N TRP A 684 0.23 35.71 12.01
CA TRP A 684 -0.51 35.22 13.16
C TRP A 684 -1.15 36.43 13.83
N GLN A 685 -2.46 36.35 14.08
CA GLN A 685 -3.18 37.45 14.71
C GLN A 685 -3.31 37.20 16.21
N PRO A 686 -2.74 38.11 17.02
CA PRO A 686 -2.77 38.02 18.48
C PRO A 686 -4.20 38.01 19.02
C1 GLC B . 15.51 3.39 8.19
C2 GLC B . 15.00 4.77 7.78
C3 GLC B . 14.28 4.70 6.43
C4 GLC B . 15.21 4.05 5.39
C5 GLC B . 15.67 2.68 5.90
C6 GLC B . 16.62 1.99 4.95
O1 GLC B . 14.45 2.52 8.39
O2 GLC B . 14.09 5.25 8.77
O3 GLC B . 13.91 6.00 6.01
O4 GLC B . 14.52 3.92 4.14
O5 GLC B . 16.36 2.83 7.16
O6 GLC B . 15.92 1.24 3.96
C1 GLC B . 14.83 4.89 3.19
C2 GLC B . 13.56 5.43 2.53
C3 GLC B . 12.96 4.40 1.57
C4 GLC B . 14.03 4.00 0.55
C5 GLC B . 15.24 3.42 1.30
C6 GLC B . 16.37 2.99 0.39
O2 GLC B . 12.60 5.76 3.54
O3 GLC B . 11.84 4.96 0.91
O4 GLC B . 13.51 3.02 -0.38
O5 GLC B . 15.76 4.42 2.21
O6 GLC B . 16.67 3.99 -0.57
C1 GLC B . 12.61 3.45 -1.35
C2 GLC B . 12.31 2.32 -2.33
C3 GLC B . 13.56 2.01 -3.17
C4 GLC B . 13.95 3.29 -3.90
C5 GLC B . 14.30 4.36 -2.85
C6 GLC B . 14.67 5.68 -3.49
O2 GLC B . 11.88 1.16 -1.65
O3 GLC B . 13.29 0.96 -4.08
O4 GLC B . 15.02 3.06 -4.84
O5 GLC B . 13.14 4.62 -2.02
O6 GLC B . 13.77 6.02 -4.53
C2 BGC B . 17.05 1.83 -5.24
C3 BGC B . 18.50 1.67 -4.81
C4 BGC B . 19.21 3.03 -4.86
C5 BGC B . 18.45 4.04 -3.99
C6 BGC B . 19.03 5.44 -4.09
C1 BGC B . 16.34 2.89 -4.37
O2 BGC B . 16.37 0.59 -5.12
O3 BGC B . 19.16 0.76 -5.68
O4 BGC B . 20.54 2.90 -4.37
O5 BGC B . 17.07 4.12 -4.43
O6 BGC B . 19.45 5.72 -5.42
C2 BGC C . -13.60 34.48 23.34
C3 BGC C . -13.27 34.24 21.87
C4 BGC C . -13.39 32.75 21.53
C5 BGC C . -14.78 32.25 21.94
C6 BGC C . -15.01 30.78 21.70
C1 BGC C . -14.96 33.87 23.70
O1 BGC C . -15.16 33.96 25.07
O2 BGC C . -13.63 35.88 23.60
O3 BGC C . -11.94 34.68 21.60
O4 BGC C . -13.19 32.56 20.12
O5 BGC C . -14.99 32.48 23.35
O6 BGC C . -16.19 30.34 22.35
C1 GLC C . -12.18 31.67 19.76
C2 GLC C . -11.51 32.13 18.45
C3 GLC C . -12.49 32.00 17.28
C4 GLC C . -13.06 30.58 17.20
C5 GLC C . -13.65 30.16 18.55
C6 GLC C . -14.09 28.71 18.59
O2 GLC C . -11.10 33.48 18.57
O3 GLC C . -11.84 32.32 16.06
O4 GLC C . -14.09 30.55 16.19
O5 GLC C . -12.67 30.33 19.61
O6 GLC C . -14.86 28.43 19.75
C1 GLC C . -13.86 29.70 15.10
C2 GLC C . -14.03 30.48 13.78
C3 GLC C . -15.51 30.80 13.53
C4 GLC C . -16.35 29.52 13.63
C5 GLC C . -16.10 28.83 14.97
C6 GLC C . -16.84 27.52 15.11
O2 GLC C . -13.30 31.69 13.84
O3 GLC C . -15.66 31.37 12.24
O4 GLC C . -17.73 29.85 13.51
O5 GLC C . -14.69 28.56 15.12
O6 GLC C . -16.61 26.94 16.39
C1 GLC D . -3.06 -23.32 27.44
C2 GLC D . -2.90 -22.29 26.33
C3 GLC D . -4.05 -21.30 26.39
C4 GLC D . -5.36 -22.08 26.22
C5 GLC D . -5.52 -23.12 27.36
C6 GLC D . -6.79 -23.92 27.17
O1 GLC D . -2.96 -22.68 28.67
O2 GLC D . -1.65 -21.60 26.49
O3 GLC D . -3.89 -20.34 25.35
O4 GLC D . -6.50 -21.18 26.28
O5 GLC D . -4.35 -23.98 27.27
O6 GLC D . -6.94 -24.88 28.21
C1 GLC D . -7.29 -20.95 25.11
C2 GLC D . -7.44 -19.45 24.89
C3 GLC D . -8.22 -18.83 26.04
C4 GLC D . -9.58 -19.53 26.14
C5 GLC D . -9.38 -21.04 26.34
C6 GLC D . -10.67 -21.81 26.41
O2 GLC D . -6.18 -18.79 24.79
O3 GLC D . -8.37 -17.42 25.84
O4 GLC D . -10.32 -19.04 27.24
O5 GLC D . -8.57 -21.61 25.26
O6 GLC D . -10.42 -23.21 26.61
C1 GLC E . 11.93 27.81 19.87
C2 GLC E . 10.50 27.63 20.35
C3 GLC E . 10.11 26.16 20.25
C4 GLC E . 10.26 25.70 18.80
C5 GLC E . 11.73 25.88 18.35
C6 GLC E . 11.89 25.46 16.90
O1 GLC E . 12.80 27.18 20.76
O2 GLC E . 10.37 28.11 21.68
O3 GLC E . 8.76 26.02 20.69
O4 GLC E . 9.91 24.29 18.67
O5 GLC E . 12.05 27.29 18.51
O6 GLC E . 13.24 25.62 16.47
C1 GLC E . 8.74 23.93 17.93
C2 GLC E . 7.88 23.00 18.78
C3 GLC E . 8.60 21.70 19.06
C4 GLC E . 8.95 21.05 17.72
C5 GLC E . 9.81 22.00 16.89
C6 GLC E . 10.19 21.44 15.54
O2 GLC E . 7.51 23.59 20.04
O3 GLC E . 7.77 20.83 19.86
O4 GLC E . 9.71 19.86 17.92
O5 GLC E . 9.12 23.28 16.68
O6 GLC E . 11.00 22.36 14.78
CA CA F . 15.07 -7.89 -22.55
CA CA G . 10.74 14.79 -1.12
C1 GLC H . 17.46 -8.66 9.71
C2 GLC H . 16.06 -8.77 10.31
C3 GLC H . 15.25 -7.49 10.05
C4 GLC H . 16.04 -6.27 10.53
C5 GLC H . 17.44 -6.26 9.89
C6 GLC H . 18.30 -5.12 10.37
O1 GLC H . 17.37 -8.53 8.33
O2 GLC H . 15.38 -9.88 9.74
O3 GLC H . 14.01 -7.56 10.73
O4 GLC H . 15.34 -5.08 10.18
O5 GLC H . 18.12 -7.49 10.22
O6 GLC H . 18.60 -5.24 11.75
C1 MPD I . -10.64 19.40 -13.08
C2 MPD I . -9.15 19.67 -13.26
O2 MPD I . -8.64 18.30 -13.57
CM MPD I . -8.53 20.38 -14.44
C3 MPD I . -8.50 20.21 -11.94
C4 MPD I . -8.98 19.60 -10.64
O4 MPD I . -8.67 18.21 -10.78
C5 MPD I . -8.26 20.25 -9.43
#